data_1XJH
#
_entry.id   1XJH
#
loop_
_entity.id
_entity.type
_entity.pdbx_description
1 polymer '33 kDa chaperonin'
2 non-polymer 'ZINC ION'
#
_entity_poly.entity_id   1
_entity_poly.type   'polypeptide(L)'
_entity_poly.pdbx_seq_one_letter_code
;MDVEFKCTCSRERCADALKTLPDEEVDSILAEDGEIDMHCDYCGNHYLFNAMDIAEIRNNAS
;
_entity_poly.pdbx_strand_id   A
#
loop_
_chem_comp.id
_chem_comp.type
_chem_comp.name
_chem_comp.formula
ZN non-polymer 'ZINC ION' 'Zn 2'
#
# COMPACT_ATOMS: atom_id res chain seq x y z
N MET A 1 38.17 -7.49 -3.30
CA MET A 1 37.92 -6.61 -4.47
C MET A 1 36.79 -5.64 -4.16
N ASP A 2 36.91 -4.37 -4.53
CA ASP A 2 35.93 -3.30 -4.29
C ASP A 2 36.00 -2.19 -5.36
N VAL A 3 35.07 -1.22 -5.31
CA VAL A 3 34.98 -0.07 -6.24
C VAL A 3 34.63 1.23 -5.49
N GLU A 4 35.21 2.36 -5.92
CA GLU A 4 35.04 3.69 -5.32
C GLU A 4 33.97 4.55 -6.04
N PHE A 5 32.93 3.88 -6.58
CA PHE A 5 31.80 4.48 -7.31
C PHE A 5 30.51 3.75 -6.93
N LYS A 6 29.78 4.29 -5.95
CA LYS A 6 28.53 3.73 -5.41
C LYS A 6 27.62 4.86 -4.90
N CYS A 7 26.32 4.57 -4.85
CA CYS A 7 25.29 5.44 -4.28
C CYS A 7 25.63 5.72 -2.80
N THR A 8 25.93 6.97 -2.44
CA THR A 8 26.37 7.36 -1.09
C THR A 8 25.26 7.32 -0.02
N CYS A 9 24.01 7.15 -0.45
CA CYS A 9 22.80 7.05 0.36
C CYS A 9 22.20 5.64 0.22
N SER A 10 21.35 5.44 -0.79
CA SER A 10 20.70 4.15 -1.14
C SER A 10 19.82 4.29 -2.40
N ARG A 11 19.57 3.16 -3.09
CA ARG A 11 18.69 3.08 -4.28
C ARG A 11 17.28 3.60 -3.99
N GLU A 12 16.85 3.46 -2.74
CA GLU A 12 15.56 3.95 -2.23
C GLU A 12 15.37 5.46 -2.47
N ARG A 13 16.45 6.27 -2.45
CA ARG A 13 16.41 7.71 -2.74
C ARG A 13 16.13 7.95 -4.23
N CYS A 14 16.82 7.21 -5.10
CA CYS A 14 16.60 7.24 -6.55
C CYS A 14 15.16 6.75 -6.89
N ALA A 15 14.69 5.71 -6.21
CA ALA A 15 13.34 5.17 -6.34
C ALA A 15 12.27 6.19 -5.92
N ASP A 16 12.47 6.90 -4.80
CA ASP A 16 11.54 7.96 -4.35
C ASP A 16 11.45 9.10 -5.39
N ALA A 17 12.57 9.49 -5.99
CA ALA A 17 12.64 10.49 -7.05
C ALA A 17 11.83 10.08 -8.30
N LEU A 18 11.75 8.78 -8.62
CA LEU A 18 10.98 8.22 -9.72
C LEU A 18 9.47 8.19 -9.34
N LYS A 19 9.14 7.74 -8.12
CA LYS A 19 7.78 7.61 -7.59
C LYS A 19 6.93 8.88 -7.66
N THR A 20 7.54 10.06 -7.55
CA THR A 20 6.83 11.37 -7.61
C THR A 20 6.51 11.86 -9.03
N LEU A 21 7.09 11.27 -10.08
CA LEU A 21 6.83 11.65 -11.47
C LEU A 21 5.39 11.27 -11.90
N PRO A 22 4.78 11.98 -12.88
CA PRO A 22 3.44 11.68 -13.38
C PRO A 22 3.28 10.21 -13.81
N ASP A 23 2.18 9.58 -13.39
CA ASP A 23 1.89 8.17 -13.72
C ASP A 23 1.84 7.93 -15.24
N GLU A 24 1.25 8.86 -15.99
CA GLU A 24 1.18 8.79 -17.46
C GLU A 24 2.57 8.88 -18.14
N GLU A 25 3.49 9.67 -17.59
CA GLU A 25 4.86 9.80 -18.11
C GLU A 25 5.66 8.51 -17.89
N VAL A 26 5.61 7.97 -16.67
CA VAL A 26 6.28 6.70 -16.31
C VAL A 26 5.72 5.55 -17.17
N ASP A 27 4.39 5.46 -17.28
CA ASP A 27 3.72 4.45 -18.12
C ASP A 27 4.09 4.58 -19.60
N SER A 28 4.19 5.81 -20.13
CA SER A 28 4.58 6.06 -21.53
C SER A 28 5.96 5.51 -21.86
N ILE A 29 6.97 5.72 -20.99
CA ILE A 29 8.32 5.20 -21.20
C ILE A 29 8.30 3.67 -21.15
N LEU A 30 7.62 3.06 -20.16
CA LEU A 30 7.48 1.61 -20.05
C LEU A 30 6.78 1.00 -21.28
N ALA A 31 5.79 1.69 -21.86
CA ALA A 31 5.07 1.27 -23.07
C ALA A 31 5.88 1.38 -24.37
N GLU A 32 7.05 2.04 -24.37
CA GLU A 32 7.91 2.24 -25.55
C GLU A 32 9.33 1.66 -25.43
N ASP A 33 9.83 1.41 -24.21
CA ASP A 33 11.17 0.87 -23.95
C ASP A 33 11.22 -0.24 -22.88
N GLY A 34 10.16 -0.41 -22.07
CA GLY A 34 10.05 -1.44 -21.02
C GLY A 34 10.84 -1.17 -19.73
N GLU A 35 11.69 -0.13 -19.70
CA GLU A 35 12.52 0.25 -18.56
C GLU A 35 12.93 1.74 -18.61
N ILE A 36 13.50 2.22 -17.50
CA ILE A 36 13.94 3.59 -17.26
C ILE A 36 15.36 3.55 -16.67
N ASP A 37 16.24 4.44 -17.15
CA ASP A 37 17.64 4.59 -16.73
C ASP A 37 17.83 6.01 -16.19
N MET A 38 17.96 6.16 -14.87
CA MET A 38 18.05 7.46 -14.20
C MET A 38 19.07 7.52 -13.06
N HIS A 39 19.52 8.73 -12.75
CA HIS A 39 20.48 9.05 -11.71
C HIS A 39 19.80 9.46 -10.38
N CYS A 40 20.39 9.02 -9.25
CA CYS A 40 19.97 9.34 -7.90
C CYS A 40 19.97 10.86 -7.66
N ASP A 41 18.84 11.40 -7.18
CA ASP A 41 18.66 12.84 -6.92
C ASP A 41 19.59 13.40 -5.81
N TYR A 42 20.25 12.52 -5.05
CA TYR A 42 21.13 12.88 -3.93
C TYR A 42 22.64 12.82 -4.24
N CYS A 43 23.08 11.92 -5.12
CA CYS A 43 24.50 11.70 -5.45
C CYS A 43 24.83 11.46 -6.94
N GLY A 44 23.86 11.41 -7.84
CA GLY A 44 24.06 11.26 -9.29
C GLY A 44 24.36 9.83 -9.78
N ASN A 45 24.44 8.83 -8.89
CA ASN A 45 24.69 7.43 -9.25
C ASN A 45 23.52 6.85 -10.06
N HIS A 46 23.78 6.15 -11.17
CA HIS A 46 22.74 5.59 -12.04
C HIS A 46 22.17 4.25 -11.55
N TYR A 47 20.90 4.00 -11.89
CA TYR A 47 20.13 2.81 -11.58
C TYR A 47 19.11 2.55 -12.69
N LEU A 48 18.68 1.31 -12.81
CA LEU A 48 17.69 0.88 -13.79
C LEU A 48 16.39 0.45 -13.09
N PHE A 49 15.24 0.77 -13.68
CA PHE A 49 13.91 0.46 -13.15
C PHE A 49 13.01 -0.07 -14.26
N ASN A 50 12.28 -1.16 -14.01
CA ASN A 50 11.33 -1.77 -14.94
C ASN A 50 9.92 -1.84 -14.32
N ALA A 51 8.94 -2.30 -15.11
CA ALA A 51 7.55 -2.40 -14.68
C ALA A 51 7.35 -3.24 -13.40
N MET A 52 8.06 -4.37 -13.26
CA MET A 52 7.98 -5.23 -12.08
C MET A 52 8.62 -4.59 -10.84
N ASP A 53 9.75 -3.89 -11.01
CA ASP A 53 10.43 -3.18 -9.92
C ASP A 53 9.58 -2.00 -9.42
N ILE A 54 9.00 -1.25 -10.37
CA ILE A 54 8.07 -0.14 -10.09
C ILE A 54 6.81 -0.67 -9.40
N ALA A 55 6.34 -1.88 -9.74
CA ALA A 55 5.19 -2.50 -9.08
C ALA A 55 5.49 -2.80 -7.60
N GLU A 56 6.72 -3.20 -7.26
CA GLU A 56 7.13 -3.42 -5.87
C GLU A 56 7.24 -2.08 -5.12
N ILE A 57 7.80 -1.05 -5.76
CA ILE A 57 7.91 0.32 -5.20
C ILE A 57 6.50 0.87 -4.88
N ARG A 58 5.52 0.67 -5.76
CA ARG A 58 4.10 1.05 -5.60
C ARG A 58 3.38 0.30 -4.47
N ASN A 59 4.00 -0.74 -3.92
CA ASN A 59 3.51 -1.56 -2.80
C ASN A 59 4.43 -1.46 -1.56
N ASN A 60 5.35 -0.48 -1.55
CA ASN A 60 6.30 -0.22 -0.45
C ASN A 60 6.42 1.28 -0.10
N ALA A 61 6.24 2.17 -1.09
CA ALA A 61 6.30 3.63 -0.95
C ALA A 61 4.91 4.30 -0.99
N SER A 62 3.85 3.54 -0.69
CA SER A 62 2.43 3.95 -0.68
C SER A 62 1.74 3.59 0.65
ZN ZN B . 22.17 8.09 -3.99
N MET A 1 6.37 6.96 -0.50
CA MET A 1 4.98 7.44 -0.61
C MET A 1 4.80 8.26 -1.89
N ASP A 2 3.76 7.95 -2.68
CA ASP A 2 3.41 8.64 -3.93
C ASP A 2 1.89 8.59 -4.17
N VAL A 3 1.32 9.70 -4.66
CA VAL A 3 -0.12 9.83 -4.95
C VAL A 3 -0.48 9.37 -6.37
N GLU A 4 -1.66 8.79 -6.54
CA GLU A 4 -2.20 8.29 -7.81
C GLU A 4 -2.89 9.38 -8.66
N PHE A 5 -2.44 10.62 -8.50
CA PHE A 5 -2.92 11.83 -9.17
C PHE A 5 -1.77 12.87 -9.30
N LYS A 6 -1.80 13.71 -10.34
CA LYS A 6 -0.78 14.74 -10.63
C LYS A 6 -1.43 16.03 -11.15
N CYS A 7 -0.67 17.13 -11.08
CA CYS A 7 -1.04 18.51 -11.46
C CYS A 7 -2.22 19.09 -10.63
N THR A 8 -2.42 20.40 -10.69
CA THR A 8 -3.56 21.10 -10.06
C THR A 8 -4.81 21.06 -10.95
N CYS A 9 -4.63 20.75 -12.23
CA CYS A 9 -5.66 20.56 -13.26
C CYS A 9 -6.25 19.12 -13.20
N SER A 10 -6.89 18.72 -14.28
CA SER A 10 -7.47 17.39 -14.52
C SER A 10 -7.18 16.97 -15.98
N ARG A 11 -7.40 15.69 -16.33
CA ARG A 11 -7.15 15.18 -17.70
C ARG A 11 -7.88 15.98 -18.78
N GLU A 12 -9.06 16.50 -18.46
CA GLU A 12 -9.91 17.32 -19.34
C GLU A 12 -9.19 18.57 -19.88
N ARG A 13 -8.37 19.23 -19.06
CA ARG A 13 -7.61 20.45 -19.45
C ARG A 13 -6.55 20.14 -20.51
N CYS A 14 -5.79 19.06 -20.29
CA CYS A 14 -4.79 18.56 -21.25
C CYS A 14 -5.46 17.98 -22.50
N ALA A 15 -6.59 17.27 -22.33
CA ALA A 15 -7.37 16.67 -23.41
C ALA A 15 -7.91 17.73 -24.39
N ASP A 16 -8.40 18.87 -23.89
CA ASP A 16 -8.93 19.95 -24.76
C ASP A 16 -7.86 20.50 -25.72
N ALA A 17 -6.59 20.58 -25.27
CA ALA A 17 -5.46 20.99 -26.09
C ALA A 17 -5.16 19.99 -27.23
N LEU A 18 -5.37 18.69 -26.99
CA LEU A 18 -5.23 17.60 -27.96
C LEU A 18 -6.43 17.56 -28.93
N LYS A 19 -7.65 17.73 -28.44
CA LYS A 19 -8.92 17.75 -29.17
C LYS A 19 -8.93 18.72 -30.36
N THR A 20 -8.34 19.91 -30.21
CA THR A 20 -8.28 20.94 -31.27
C THR A 20 -7.30 20.63 -32.41
N LEU A 21 -6.38 19.66 -32.25
CA LEU A 21 -5.44 19.25 -33.30
C LEU A 21 -6.18 18.54 -34.45
N PRO A 22 -5.72 18.62 -35.72
CA PRO A 22 -6.36 17.96 -36.85
C PRO A 22 -6.57 16.45 -36.63
N ASP A 23 -7.74 15.95 -36.99
CA ASP A 23 -8.09 14.52 -36.85
C ASP A 23 -7.08 13.60 -37.57
N GLU A 24 -6.68 14.00 -38.78
CA GLU A 24 -5.70 13.28 -39.60
C GLU A 24 -4.29 13.28 -38.97
N GLU A 25 -3.89 14.37 -38.31
CA GLU A 25 -2.60 14.47 -37.61
C GLU A 25 -2.59 13.56 -36.37
N VAL A 26 -3.66 13.58 -35.57
CA VAL A 26 -3.84 12.71 -34.39
C VAL A 26 -3.84 11.24 -34.83
N ASP A 27 -4.59 10.89 -35.87
CA ASP A 27 -4.63 9.54 -36.44
C ASP A 27 -3.25 9.08 -36.95
N SER A 28 -2.47 9.97 -37.57
CA SER A 28 -1.11 9.67 -38.05
C SER A 28 -0.19 9.21 -36.92
N ILE A 29 -0.23 9.88 -35.76
CA ILE A 29 0.56 9.50 -34.58
C ILE A 29 0.06 8.16 -34.02
N LEU A 30 -1.26 7.98 -33.88
CA LEU A 30 -1.86 6.73 -33.40
C LEU A 30 -1.53 5.53 -34.31
N ALA A 31 -1.41 5.73 -35.63
CA ALA A 31 -1.05 4.70 -36.60
C ALA A 31 0.40 4.18 -36.46
N GLU A 32 1.25 4.84 -35.66
CA GLU A 32 2.66 4.46 -35.44
C GLU A 32 3.02 4.19 -33.97
N ASP A 33 2.24 4.69 -33.00
CA ASP A 33 2.49 4.53 -31.55
C ASP A 33 1.28 4.05 -30.72
N GLY A 34 0.05 4.09 -31.25
CA GLY A 34 -1.19 3.67 -30.56
C GLY A 34 -1.67 4.57 -29.42
N GLU A 35 -0.85 5.54 -28.99
CA GLU A 35 -1.12 6.51 -27.93
C GLU A 35 -0.25 7.77 -28.10
N ILE A 36 -0.61 8.83 -27.37
CA ILE A 36 0.02 10.16 -27.42
C ILE A 36 0.38 10.63 -26.01
N ASP A 37 1.58 11.18 -25.88
CA ASP A 37 2.13 11.77 -24.66
C ASP A 37 1.99 13.30 -24.75
N MET A 38 0.90 13.82 -24.18
CA MET A 38 0.52 15.24 -24.21
C MET A 38 0.86 15.96 -22.90
N HIS A 39 1.09 17.27 -22.97
CA HIS A 39 1.43 18.11 -21.82
C HIS A 39 0.37 19.17 -21.53
N CYS A 40 0.08 19.37 -20.24
CA CYS A 40 -0.86 20.34 -19.68
C CYS A 40 -0.56 21.74 -20.23
N ASP A 41 -1.48 22.32 -21.00
CA ASP A 41 -1.32 23.66 -21.59
C ASP A 41 -1.22 24.78 -20.54
N TYR A 42 -1.56 24.47 -19.28
CA TYR A 42 -1.56 25.38 -18.13
C TYR A 42 -0.31 25.26 -17.24
N CYS A 43 0.22 24.04 -17.04
CA CYS A 43 1.31 23.74 -16.10
C CYS A 43 2.50 22.93 -16.67
N GLY A 44 2.38 22.34 -17.87
CA GLY A 44 3.44 21.54 -18.52
C GLY A 44 3.53 20.07 -18.07
N ASN A 45 2.77 19.64 -17.06
CA ASN A 45 2.75 18.25 -16.58
C ASN A 45 2.26 17.26 -17.67
N HIS A 46 2.82 16.05 -17.73
CA HIS A 46 2.47 15.05 -18.74
C HIS A 46 1.21 14.22 -18.42
N TYR A 47 0.52 13.76 -19.46
CA TYR A 47 -0.68 12.93 -19.43
C TYR A 47 -0.69 12.05 -20.68
N LEU A 48 -1.18 10.80 -20.55
CA LEU A 48 -1.22 9.86 -21.67
C LEU A 48 -2.65 9.66 -22.17
N PHE A 49 -2.82 9.56 -23.50
CA PHE A 49 -4.09 9.39 -24.20
C PHE A 49 -3.96 8.33 -25.30
N ASN A 50 -4.77 7.28 -25.25
CA ASN A 50 -4.79 6.21 -26.26
C ASN A 50 -5.93 6.43 -27.28
N ALA A 51 -5.91 5.63 -28.34
CA ALA A 51 -6.89 5.72 -29.43
C ALA A 51 -8.36 5.62 -28.96
N MET A 52 -8.66 4.72 -28.02
CA MET A 52 -10.01 4.55 -27.47
C MET A 52 -10.44 5.73 -26.59
N ASP A 53 -9.54 6.31 -25.80
CA ASP A 53 -9.85 7.46 -24.95
C ASP A 53 -10.06 8.74 -25.79
N ILE A 54 -9.21 8.95 -26.80
CA ILE A 54 -9.31 10.05 -27.77
C ILE A 54 -10.63 9.97 -28.53
N ALA A 55 -11.10 8.76 -28.86
CA ALA A 55 -12.37 8.57 -29.56
C ALA A 55 -13.55 9.10 -28.73
N GLU A 56 -13.55 8.89 -27.41
CA GLU A 56 -14.60 9.42 -26.52
C GLU A 56 -14.44 10.94 -26.34
N ILE A 57 -13.22 11.44 -26.15
CA ILE A 57 -12.92 12.88 -25.97
C ILE A 57 -13.40 13.71 -27.18
N ARG A 58 -13.21 13.21 -28.41
CA ARG A 58 -13.59 13.91 -29.65
C ARG A 58 -15.08 13.78 -30.03
N ASN A 59 -15.81 12.83 -29.44
CA ASN A 59 -17.24 12.59 -29.70
C ASN A 59 -18.19 12.95 -28.54
N ASN A 60 -17.64 13.32 -27.38
CA ASN A 60 -18.36 13.74 -26.17
C ASN A 60 -17.82 15.06 -25.57
N ALA A 61 -16.76 15.62 -26.15
CA ALA A 61 -16.09 16.88 -25.79
C ALA A 61 -15.48 16.95 -24.36
N SER A 62 -15.46 15.85 -23.61
CA SER A 62 -14.92 15.73 -22.23
C SER A 62 -14.50 14.29 -21.91
ZN ZN B . -2.10 21.96 -15.03
N MET A 1 22.09 8.25 1.45
CA MET A 1 20.74 8.52 2.01
C MET A 1 19.66 8.24 0.96
N ASP A 2 18.48 7.79 1.39
CA ASP A 2 17.34 7.45 0.52
C ASP A 2 15.99 7.68 1.23
N VAL A 3 14.91 7.91 0.48
CA VAL A 3 13.54 8.13 0.98
C VAL A 3 12.49 7.69 -0.06
N GLU A 4 11.32 7.27 0.42
CA GLU A 4 10.19 6.81 -0.40
C GLU A 4 8.85 7.14 0.28
N PHE A 5 7.86 7.57 -0.49
CA PHE A 5 6.50 7.91 -0.02
C PHE A 5 5.75 6.72 0.61
N LYS A 6 4.68 7.00 1.37
CA LYS A 6 3.83 6.00 2.06
C LYS A 6 2.32 6.21 1.92
N CYS A 7 1.95 7.05 0.97
CA CYS A 7 0.58 7.41 0.59
C CYS A 7 0.49 7.70 -0.92
N THR A 8 -0.50 7.09 -1.58
CA THR A 8 -0.75 7.20 -3.03
C THR A 8 -1.60 8.41 -3.38
N CYS A 9 -2.48 8.87 -2.48
CA CYS A 9 -3.39 9.99 -2.66
C CYS A 9 -2.86 11.29 -2.00
N SER A 10 -3.61 11.86 -1.04
CA SER A 10 -3.30 13.11 -0.33
C SER A 10 -4.06 13.23 1.01
N ARG A 11 -3.61 14.19 1.84
CA ARG A 11 -4.23 14.59 3.12
C ARG A 11 -5.70 14.96 2.93
N GLU A 12 -6.04 15.48 1.76
CA GLU A 12 -7.39 15.91 1.37
C GLU A 12 -8.42 14.77 1.48
N ARG A 13 -8.07 13.54 1.10
CA ARG A 13 -8.98 12.38 1.23
C ARG A 13 -9.21 12.01 2.70
N CYS A 14 -8.14 12.07 3.52
CA CYS A 14 -8.23 11.82 4.96
C CYS A 14 -9.05 12.92 5.68
N ALA A 15 -8.88 14.17 5.25
CA ALA A 15 -9.61 15.33 5.76
C ALA A 15 -11.12 15.19 5.51
N ASP A 16 -11.50 14.82 4.28
CA ASP A 16 -12.89 14.60 3.90
C ASP A 16 -13.53 13.46 4.72
N ALA A 17 -12.78 12.39 5.01
CA ALA A 17 -13.23 11.27 5.84
C ALA A 17 -13.46 11.66 7.31
N LEU A 18 -12.68 12.60 7.86
CA LEU A 18 -12.82 13.10 9.22
C LEU A 18 -14.01 14.06 9.35
N LYS A 19 -14.18 15.01 8.41
CA LYS A 19 -15.23 16.03 8.46
C LYS A 19 -16.66 15.50 8.52
N THR A 20 -16.93 14.31 7.97
CA THR A 20 -18.28 13.70 7.95
C THR A 20 -18.71 13.08 9.30
N LEU A 21 -17.79 12.92 10.27
CA LEU A 21 -18.10 12.36 11.59
C LEU A 21 -18.97 13.31 12.44
N PRO A 22 -19.75 12.78 13.42
CA PRO A 22 -20.63 13.57 14.30
C PRO A 22 -19.94 14.77 14.96
N ASP A 23 -20.60 15.93 14.90
CA ASP A 23 -20.08 17.20 15.46
C ASP A 23 -19.76 17.13 16.96
N GLU A 24 -20.59 16.43 17.75
CA GLU A 24 -20.37 16.29 19.19
C GLU A 24 -19.09 15.49 19.52
N GLU A 25 -18.81 14.40 18.79
CA GLU A 25 -17.60 13.60 19.00
C GLU A 25 -16.34 14.39 18.60
N VAL A 26 -16.38 15.08 17.47
CA VAL A 26 -15.28 15.94 16.99
C VAL A 26 -15.00 17.05 18.02
N ASP A 27 -16.03 17.76 18.47
CA ASP A 27 -15.91 18.82 19.48
C ASP A 27 -15.35 18.31 20.82
N SER A 28 -15.81 17.15 21.31
CA SER A 28 -15.33 16.57 22.58
C SER A 28 -13.82 16.29 22.58
N ILE A 29 -13.26 15.73 21.50
CA ILE A 29 -11.83 15.47 21.40
C ILE A 29 -11.04 16.79 21.37
N LEU A 30 -11.47 17.75 20.54
CA LEU A 30 -10.84 19.08 20.42
C LEU A 30 -10.87 19.84 21.77
N ALA A 31 -11.95 19.73 22.53
CA ALA A 31 -12.12 20.36 23.85
C ALA A 31 -11.18 19.82 24.96
N GLU A 32 -10.47 18.70 24.72
CA GLU A 32 -9.55 18.08 25.71
C GLU A 32 -8.12 17.88 25.19
N ASP A 33 -7.89 17.82 23.87
CA ASP A 33 -6.57 17.61 23.26
C ASP A 33 -6.18 18.65 22.19
N GLY A 34 -7.13 19.44 21.66
CA GLY A 34 -6.88 20.47 20.64
C GLY A 34 -6.55 19.94 19.23
N GLU A 35 -6.54 18.61 19.05
CA GLU A 35 -6.24 17.94 17.78
C GLU A 35 -6.91 16.56 17.66
N ILE A 36 -7.05 16.09 16.42
CA ILE A 36 -7.58 14.78 16.03
C ILE A 36 -6.65 14.19 14.96
N ASP A 37 -6.33 12.90 15.09
CA ASP A 37 -5.52 12.14 14.14
C ASP A 37 -6.44 11.12 13.42
N MET A 38 -6.33 11.01 12.10
CA MET A 38 -7.16 10.13 11.27
C MET A 38 -6.30 9.30 10.31
N HIS A 39 -6.76 8.08 10.01
CA HIS A 39 -6.08 7.11 9.17
C HIS A 39 -6.55 7.15 7.70
N CYS A 40 -5.58 7.07 6.79
CA CYS A 40 -5.73 6.99 5.34
C CYS A 40 -6.04 5.53 4.96
N ASP A 41 -7.31 5.13 5.02
CA ASP A 41 -7.74 3.77 4.67
C ASP A 41 -7.43 3.39 3.21
N TYR A 42 -7.22 4.41 2.36
CA TYR A 42 -6.86 4.28 0.95
C TYR A 42 -5.45 3.70 0.71
N CYS A 43 -4.49 4.06 1.57
CA CYS A 43 -3.06 3.71 1.41
C CYS A 43 -2.36 3.07 2.63
N GLY A 44 -2.78 3.40 3.85
CA GLY A 44 -2.17 2.89 5.09
C GLY A 44 -1.22 3.89 5.75
N ASN A 45 -1.67 5.14 5.89
CA ASN A 45 -0.94 6.29 6.47
C ASN A 45 -1.83 7.05 7.48
N HIS A 46 -1.35 8.14 8.09
CA HIS A 46 -2.13 8.97 9.01
C HIS A 46 -1.84 10.47 8.84
N TYR A 47 -2.75 11.32 9.32
CA TYR A 47 -2.68 12.78 9.23
C TYR A 47 -3.36 13.38 10.46
N LEU A 48 -2.88 14.54 10.90
CA LEU A 48 -3.40 15.25 12.08
C LEU A 48 -4.05 16.60 11.71
N PHE A 49 -5.12 16.96 12.42
CA PHE A 49 -5.96 18.13 12.20
C PHE A 49 -6.29 18.84 13.52
N ASN A 50 -6.55 20.14 13.47
CA ASN A 50 -6.91 20.99 14.61
C ASN A 50 -8.27 21.67 14.38
N ALA A 51 -8.81 22.34 15.40
CA ALA A 51 -10.12 22.99 15.34
C ALA A 51 -10.25 24.00 14.18
N MET A 52 -9.23 24.83 13.95
CA MET A 52 -9.20 25.79 12.84
C MET A 52 -9.06 25.11 11.48
N ASP A 53 -8.28 24.03 11.36
CA ASP A 53 -8.12 23.33 10.08
C ASP A 53 -9.41 22.59 9.69
N ILE A 54 -10.06 21.93 10.66
CA ILE A 54 -11.36 21.27 10.49
C ILE A 54 -12.43 22.30 10.10
N ALA A 55 -12.39 23.52 10.67
CA ALA A 55 -13.31 24.59 10.31
C ALA A 55 -13.17 25.01 8.84
N GLU A 56 -11.93 25.09 8.33
CA GLU A 56 -11.65 25.41 6.92
C GLU A 56 -12.04 24.24 6.01
N ILE A 57 -11.77 23.00 6.42
CA ILE A 57 -12.19 21.79 5.69
C ILE A 57 -13.74 21.77 5.54
N ARG A 58 -14.47 22.21 6.57
CA ARG A 58 -15.94 22.32 6.61
C ARG A 58 -16.54 23.48 5.80
N ASN A 59 -15.76 24.47 5.34
CA ASN A 59 -16.30 25.62 4.56
C ASN A 59 -15.58 25.96 3.25
N ASN A 60 -14.41 25.38 3.01
CA ASN A 60 -13.56 25.58 1.82
C ASN A 60 -12.87 24.29 1.31
N ALA A 61 -12.95 23.17 2.05
CA ALA A 61 -12.36 21.87 1.71
C ALA A 61 -10.84 21.89 1.36
N SER A 62 -10.10 22.91 1.85
CA SER A 62 -8.66 23.13 1.63
C SER A 62 -8.03 23.97 2.76
ZN ZN B . -3.59 7.89 0.85
N MET A 1 -8.61 8.05 -11.29
CA MET A 1 -7.21 8.53 -11.34
C MET A 1 -6.42 8.00 -10.13
N ASP A 2 -5.24 7.41 -10.37
CA ASP A 2 -4.33 6.86 -9.34
C ASP A 2 -3.55 7.97 -8.60
N VAL A 3 -4.27 8.88 -7.92
CA VAL A 3 -3.72 10.03 -7.18
C VAL A 3 -2.78 9.63 -6.03
N GLU A 4 -1.83 10.50 -5.69
CA GLU A 4 -0.85 10.34 -4.62
C GLU A 4 -1.29 11.07 -3.32
N PHE A 5 -2.61 11.14 -3.11
CA PHE A 5 -3.26 11.83 -1.99
C PHE A 5 -2.85 11.29 -0.61
N LYS A 6 -2.57 12.23 0.31
CA LYS A 6 -2.14 12.03 1.71
C LYS A 6 -2.17 13.38 2.46
N CYS A 7 -1.86 13.38 3.75
CA CYS A 7 -1.72 14.58 4.59
C CYS A 7 -0.40 15.35 4.28
N THR A 8 -0.19 15.67 3.01
CA THR A 8 0.99 16.43 2.52
C THR A 8 1.03 17.85 3.10
N CYS A 9 -0.15 18.38 3.47
CA CYS A 9 -0.36 19.67 4.12
C CYS A 9 0.26 19.69 5.55
N SER A 10 0.23 18.55 6.23
CA SER A 10 0.81 18.27 7.54
C SER A 10 0.44 19.27 8.66
N ARG A 11 1.15 19.17 9.79
CA ARG A 11 1.05 20.08 10.94
C ARG A 11 1.28 21.52 10.53
N GLU A 12 2.16 21.74 9.54
CA GLU A 12 2.50 23.08 9.04
C GLU A 12 1.28 23.85 8.50
N ARG A 13 0.44 23.23 7.65
CA ARG A 13 -0.80 23.87 7.16
C ARG A 13 -1.90 23.85 8.22
N CYS A 14 -1.96 22.83 9.07
CA CYS A 14 -2.92 22.80 10.19
C CYS A 14 -2.65 23.99 11.15
N ALA A 15 -1.38 24.32 11.38
CA ALA A 15 -0.96 25.50 12.16
C ALA A 15 -1.31 26.80 11.40
N ASP A 16 -1.16 26.82 10.07
CA ASP A 16 -1.55 27.97 9.22
C ASP A 16 -3.07 28.26 9.30
N ALA A 17 -3.89 27.21 9.44
CA ALA A 17 -5.34 27.32 9.65
C ALA A 17 -5.67 27.95 11.03
N LEU A 18 -4.85 27.70 12.06
CA LEU A 18 -4.96 28.27 13.40
C LEU A 18 -4.47 29.73 13.41
N LYS A 19 -3.35 30.03 12.75
CA LYS A 19 -2.72 31.34 12.61
C LYS A 19 -3.68 32.46 12.19
N THR A 20 -4.64 32.18 11.32
CA THR A 20 -5.63 33.16 10.82
C THR A 20 -6.76 33.47 11.81
N LEU A 21 -6.94 32.68 12.88
CA LEU A 21 -7.97 32.93 13.90
C LEU A 21 -7.62 34.16 14.77
N PRO A 22 -8.62 34.88 15.33
CA PRO A 22 -8.38 36.04 16.20
C PRO A 22 -7.44 35.74 17.37
N ASP A 23 -6.45 36.60 17.60
CA ASP A 23 -5.46 36.45 18.68
C ASP A 23 -6.11 36.32 20.07
N GLU A 24 -7.12 37.15 20.32
CA GLU A 24 -7.87 37.15 21.59
C GLU A 24 -8.64 35.83 21.81
N GLU A 25 -9.20 35.23 20.75
CA GLU A 25 -9.91 33.94 20.84
C GLU A 25 -8.92 32.79 21.12
N VAL A 26 -7.79 32.76 20.41
CA VAL A 26 -6.71 31.77 20.62
C VAL A 26 -6.18 31.87 22.06
N ASP A 27 -5.86 33.08 22.53
CA ASP A 27 -5.41 33.32 23.90
C ASP A 27 -6.46 32.93 24.95
N SER A 28 -7.74 33.21 24.70
CA SER A 28 -8.85 32.87 25.60
C SER A 28 -8.95 31.36 25.85
N ILE A 29 -8.85 30.53 24.79
CA ILE A 29 -8.88 29.06 24.92
C ILE A 29 -7.66 28.57 25.73
N LEU A 30 -6.46 29.09 25.43
CA LEU A 30 -5.25 28.74 26.19
C LEU A 30 -5.38 29.10 27.68
N ALA A 31 -6.00 30.23 28.01
CA ALA A 31 -6.23 30.69 29.38
C ALA A 31 -7.20 29.81 30.21
N GLU A 32 -7.90 28.84 29.60
CA GLU A 32 -8.82 27.92 30.29
C GLU A 32 -8.53 26.41 30.09
N ASP A 33 -7.68 26.03 29.12
CA ASP A 33 -7.33 24.62 28.85
C ASP A 33 -5.87 24.35 28.44
N GLY A 34 -5.09 25.38 28.10
CA GLY A 34 -3.67 25.28 27.72
C GLY A 34 -3.38 24.64 26.34
N GLU A 35 -4.39 24.18 25.61
CA GLU A 35 -4.26 23.56 24.28
C GLU A 35 -5.51 23.74 23.40
N ILE A 36 -5.33 23.52 22.09
CA ILE A 36 -6.33 23.66 21.02
C ILE A 36 -6.17 22.48 20.04
N ASP A 37 -7.29 21.88 19.62
CA ASP A 37 -7.32 20.82 18.61
C ASP A 37 -7.84 21.41 17.28
N MET A 38 -7.13 21.11 16.19
CA MET A 38 -7.39 21.62 14.85
C MET A 38 -7.40 20.47 13.83
N HIS A 39 -8.12 20.65 12.72
CA HIS A 39 -8.23 19.67 11.65
C HIS A 39 -7.93 20.26 10.27
N CYS A 40 -7.24 19.48 9.43
CA CYS A 40 -6.88 19.80 8.07
C CYS A 40 -8.14 19.97 7.19
N ASP A 41 -8.47 21.19 6.78
CA ASP A 41 -9.56 21.43 5.81
C ASP A 41 -9.24 20.74 4.45
N TYR A 42 -7.94 20.52 4.23
CA TYR A 42 -7.28 19.89 3.08
C TYR A 42 -7.59 18.39 2.89
N CYS A 43 -7.57 17.61 3.99
CA CYS A 43 -7.70 16.15 3.99
C CYS A 43 -8.53 15.49 5.12
N GLY A 44 -8.84 16.21 6.21
CA GLY A 44 -9.63 15.71 7.34
C GLY A 44 -8.82 15.20 8.54
N ASN A 45 -7.48 15.17 8.47
CA ASN A 45 -6.61 14.76 9.58
C ASN A 45 -6.69 15.75 10.76
N HIS A 46 -6.21 15.40 11.96
CA HIS A 46 -6.22 16.23 13.17
C HIS A 46 -4.81 16.41 13.77
N TYR A 47 -4.62 17.52 14.50
CA TYR A 47 -3.38 17.88 15.20
C TYR A 47 -3.75 18.74 16.42
N LEU A 48 -2.96 18.63 17.49
CA LEU A 48 -3.15 19.41 18.71
C LEU A 48 -1.98 20.37 18.92
N PHE A 49 -2.27 21.57 19.42
CA PHE A 49 -1.31 22.66 19.65
C PHE A 49 -1.45 23.19 21.08
N ASN A 50 -0.32 23.47 21.73
CA ASN A 50 -0.23 23.91 23.12
C ASN A 50 0.14 25.40 23.21
N ALA A 51 0.17 25.98 24.42
CA ALA A 51 0.57 27.38 24.59
C ALA A 51 1.98 27.66 24.01
N MET A 52 2.91 26.70 24.14
CA MET A 52 4.25 26.77 23.53
C MET A 52 4.20 26.76 21.99
N ASP A 53 3.29 25.99 21.37
CA ASP A 53 3.13 25.97 19.91
C ASP A 53 2.64 27.33 19.41
N ILE A 54 1.59 27.90 20.04
CA ILE A 54 1.06 29.23 19.70
C ILE A 54 2.16 30.31 19.87
N ALA A 55 2.97 30.21 20.93
CA ALA A 55 4.10 31.11 21.16
C ALA A 55 5.13 31.07 20.02
N GLU A 56 5.39 29.90 19.43
CA GLU A 56 6.27 29.78 18.25
C GLU A 56 5.58 30.31 16.98
N ILE A 57 4.29 30.02 16.80
CA ILE A 57 3.50 30.45 15.63
C ILE A 57 3.44 31.99 15.55
N ARG A 58 3.21 32.72 16.65
CA ARG A 58 3.19 34.20 16.64
C ARG A 58 4.54 34.82 16.33
N ASN A 59 5.63 34.15 16.72
CA ASN A 59 7.02 34.55 16.42
C ASN A 59 7.49 34.13 15.01
N ASN A 60 6.62 33.49 14.22
CA ASN A 60 6.87 33.03 12.85
C ASN A 60 5.90 33.66 11.83
N ALA A 61 4.69 34.05 12.27
CA ALA A 61 3.67 34.73 11.46
C ALA A 61 4.01 36.20 11.10
N SER A 62 5.07 36.75 11.70
CA SER A 62 5.59 38.12 11.54
C SER A 62 5.73 38.60 10.08
ZN ZN B . -3.70 17.21 6.51
N MET A 1 18.55 11.40 -14.34
CA MET A 1 17.39 10.76 -13.68
C MET A 1 16.06 11.24 -14.29
N ASP A 2 14.95 10.59 -13.92
CA ASP A 2 13.59 10.94 -14.38
C ASP A 2 12.56 10.65 -13.28
N VAL A 3 11.59 11.56 -13.08
CA VAL A 3 10.52 11.45 -12.07
C VAL A 3 9.30 12.30 -12.47
N GLU A 4 8.11 11.86 -12.05
CA GLU A 4 6.82 12.52 -12.27
C GLU A 4 5.87 12.20 -11.11
N PHE A 5 4.75 12.93 -11.01
CA PHE A 5 3.73 12.82 -9.95
C PHE A 5 2.31 12.59 -10.51
N LYS A 6 2.27 12.12 -11.77
CA LYS A 6 1.12 11.82 -12.65
C LYS A 6 -0.19 11.50 -11.94
N CYS A 7 -1.13 12.42 -12.14
CA CYS A 7 -2.52 12.38 -11.66
C CYS A 7 -3.38 11.37 -12.42
N THR A 8 -4.60 11.13 -11.94
CA THR A 8 -5.60 10.27 -12.60
C THR A 8 -6.28 10.97 -13.79
N CYS A 9 -6.15 12.29 -13.91
CA CYS A 9 -6.69 13.10 -15.00
C CYS A 9 -5.69 13.26 -16.17
N SER A 10 -6.11 13.94 -17.24
CA SER A 10 -5.31 14.16 -18.46
C SER A 10 -4.17 15.16 -18.28
N ARG A 11 -2.99 14.82 -18.82
CA ARG A 11 -1.77 15.66 -18.87
C ARG A 11 -2.03 17.01 -19.52
N GLU A 12 -2.83 17.00 -20.58
CA GLU A 12 -3.22 18.19 -21.38
C GLU A 12 -3.84 19.30 -20.51
N ARG A 13 -4.76 18.96 -19.61
CA ARG A 13 -5.42 19.91 -18.70
C ARG A 13 -4.42 20.63 -17.79
N CYS A 14 -3.45 19.90 -17.22
CA CYS A 14 -2.40 20.50 -16.38
C CYS A 14 -1.39 21.30 -17.22
N ALA A 15 -0.99 20.76 -18.39
CA ALA A 15 -0.06 21.39 -19.31
C ALA A 15 -0.59 22.73 -19.83
N ASP A 16 -1.89 22.84 -20.14
CA ASP A 16 -2.53 24.08 -20.61
C ASP A 16 -2.36 25.23 -19.60
N ALA A 17 -2.49 24.94 -18.30
CA ALA A 17 -2.30 25.92 -17.22
C ALA A 17 -0.86 26.50 -17.20
N LEU A 18 0.15 25.69 -17.56
CA LEU A 18 1.54 26.11 -17.71
C LEU A 18 1.71 26.88 -19.03
N LYS A 19 1.15 26.38 -20.15
CA LYS A 19 1.24 26.95 -21.50
C LYS A 19 0.78 28.41 -21.63
N THR A 20 -0.18 28.87 -20.84
CA THR A 20 -0.66 30.28 -20.87
C THR A 20 0.37 31.29 -20.35
N LEU A 21 1.38 30.87 -19.58
CA LEU A 21 2.46 31.74 -19.10
C LEU A 21 3.41 32.12 -20.25
N PRO A 22 4.06 33.31 -20.22
CA PRO A 22 5.01 33.72 -21.25
C PRO A 22 6.14 32.70 -21.46
N ASP A 23 6.48 32.41 -22.72
CA ASP A 23 7.52 31.42 -23.04
C ASP A 23 8.87 31.75 -22.39
N GLU A 24 9.25 33.03 -22.39
CA GLU A 24 10.50 33.51 -21.77
C GLU A 24 10.53 33.25 -20.25
N GLU A 25 9.40 33.41 -19.55
CA GLU A 25 9.29 33.12 -18.11
C GLU A 25 9.44 31.62 -17.85
N VAL A 26 8.76 30.77 -18.63
CA VAL A 26 8.85 29.31 -18.53
C VAL A 26 10.28 28.84 -18.79
N ASP A 27 10.91 29.33 -19.87
CA ASP A 27 12.28 28.97 -20.24
C ASP A 27 13.31 29.42 -19.19
N SER A 28 13.12 30.57 -18.53
CA SER A 28 14.03 31.07 -17.50
C SER A 28 14.18 30.11 -16.31
N ILE A 29 13.10 29.41 -15.92
CA ILE A 29 13.12 28.41 -14.84
C ILE A 29 13.94 27.19 -15.29
N LEU A 30 13.74 26.71 -16.53
CA LEU A 30 14.51 25.60 -17.09
C LEU A 30 16.01 25.93 -17.18
N ALA A 31 16.36 27.20 -17.44
CA ALA A 31 17.72 27.70 -17.50
C ALA A 31 18.39 27.92 -16.10
N GLU A 32 17.65 27.75 -15.00
CA GLU A 32 18.14 27.99 -13.63
C GLU A 32 17.95 26.81 -12.67
N ASP A 33 16.92 25.97 -12.86
CA ASP A 33 16.58 24.79 -12.04
C ASP A 33 16.39 23.50 -12.87
N GLY A 34 16.15 23.60 -14.18
CA GLY A 34 15.97 22.44 -15.08
C GLY A 34 14.59 21.76 -15.05
N GLU A 35 13.71 22.16 -14.15
CA GLU A 35 12.35 21.62 -14.00
C GLU A 35 11.37 22.63 -13.38
N ILE A 36 10.08 22.37 -13.56
CA ILE A 36 8.93 23.17 -13.10
C ILE A 36 7.95 22.24 -12.37
N ASP A 37 7.42 22.72 -11.24
CA ASP A 37 6.42 22.04 -10.42
C ASP A 37 5.11 22.84 -10.46
N MET A 38 3.98 22.15 -10.68
CA MET A 38 2.65 22.74 -10.78
C MET A 38 1.62 21.90 -10.00
N HIS A 39 0.59 22.56 -9.47
CA HIS A 39 -0.51 21.93 -8.76
C HIS A 39 -1.70 21.67 -9.70
N CYS A 40 -2.31 20.49 -9.57
CA CYS A 40 -3.48 20.05 -10.30
C CYS A 40 -4.73 20.71 -9.71
N ASP A 41 -5.14 21.86 -10.26
CA ASP A 41 -6.33 22.59 -9.79
C ASP A 41 -7.64 21.76 -9.92
N TYR A 42 -7.61 20.75 -10.80
CA TYR A 42 -8.71 19.84 -11.11
C TYR A 42 -8.98 18.78 -10.02
N CYS A 43 -7.92 18.21 -9.43
CA CYS A 43 -7.99 17.10 -8.46
C CYS A 43 -7.32 17.36 -7.09
N GLY A 44 -6.43 18.35 -6.99
CA GLY A 44 -5.66 18.70 -5.78
C GLY A 44 -4.24 18.09 -5.72
N ASN A 45 -3.86 17.33 -6.75
CA ASN A 45 -2.56 16.67 -6.92
C ASN A 45 -1.44 17.63 -7.40
N HIS A 46 -0.31 17.10 -7.88
CA HIS A 46 0.84 17.82 -8.44
C HIS A 46 1.31 17.16 -9.75
N TYR A 47 2.12 17.89 -10.53
CA TYR A 47 2.70 17.47 -11.82
C TYR A 47 4.07 18.13 -11.95
N LEU A 48 5.02 17.40 -12.53
CA LEU A 48 6.39 17.86 -12.77
C LEU A 48 6.64 17.96 -14.29
N PHE A 49 7.38 19.00 -14.72
CA PHE A 49 7.68 19.26 -16.13
C PHE A 49 9.16 19.63 -16.34
N ASN A 50 9.74 19.14 -17.43
CA ASN A 50 11.11 19.42 -17.89
C ASN A 50 11.09 19.93 -19.34
N ALA A 51 12.25 20.36 -19.83
CA ALA A 51 12.43 20.85 -21.20
C ALA A 51 11.97 19.86 -22.28
N MET A 52 12.23 18.56 -22.11
CA MET A 52 11.80 17.52 -23.07
C MET A 52 10.25 17.38 -23.13
N ASP A 53 9.58 17.51 -21.99
CA ASP A 53 8.11 17.46 -21.88
C ASP A 53 7.48 18.73 -22.46
N ILE A 54 8.02 19.89 -22.08
CA ILE A 54 7.63 21.22 -22.52
C ILE A 54 7.79 21.40 -24.03
N ALA A 55 8.78 20.74 -24.65
CA ALA A 55 8.95 20.75 -26.10
C ALA A 55 7.69 20.23 -26.83
N GLU A 56 6.97 19.27 -26.25
CA GLU A 56 5.69 18.77 -26.80
C GLU A 56 4.58 19.81 -26.54
N ILE A 57 4.50 20.38 -25.33
CA ILE A 57 3.51 21.41 -24.96
C ILE A 57 3.61 22.65 -25.87
N ARG A 58 4.83 23.03 -26.27
CA ARG A 58 5.14 24.11 -27.22
C ARG A 58 4.64 23.82 -28.65
N ASN A 59 4.31 22.56 -28.93
CA ASN A 59 3.76 22.04 -30.18
C ASN A 59 2.38 21.39 -29.97
N ASN A 60 1.66 21.82 -28.91
CA ASN A 60 0.34 21.36 -28.47
C ASN A 60 0.19 19.82 -28.41
N ALA A 61 1.26 19.12 -28.04
CA ALA A 61 1.37 17.66 -27.95
C ALA A 61 0.90 16.90 -29.21
N SER A 62 1.10 17.50 -30.40
CA SER A 62 0.72 16.96 -31.73
C SER A 62 1.28 15.56 -32.01
ZN ZN B . -5.76 15.74 -11.59
N MET A 1 23.80 5.72 5.94
CA MET A 1 22.76 5.09 5.09
C MET A 1 22.43 3.67 5.58
N ASP A 2 21.29 3.13 5.16
CA ASP A 2 20.79 1.78 5.52
C ASP A 2 20.04 1.14 4.34
N VAL A 3 20.26 -0.16 4.11
CA VAL A 3 19.64 -0.95 3.03
C VAL A 3 19.61 -2.44 3.37
N GLU A 4 18.64 -3.18 2.84
CA GLU A 4 18.47 -4.62 3.04
C GLU A 4 17.82 -5.27 1.80
N PHE A 5 18.35 -6.41 1.34
CA PHE A 5 17.80 -7.17 0.21
C PHE A 5 16.48 -7.87 0.58
N LYS A 6 15.61 -8.10 -0.42
CA LYS A 6 14.30 -8.77 -0.28
C LYS A 6 14.10 -9.80 -1.41
N CYS A 7 13.24 -10.77 -1.14
CA CYS A 7 12.86 -11.85 -2.05
C CYS A 7 12.01 -11.32 -3.22
N THR A 8 12.08 -11.99 -4.39
CA THR A 8 11.23 -11.65 -5.55
C THR A 8 9.91 -12.43 -5.55
N CYS A 9 9.78 -13.44 -4.66
CA CYS A 9 8.64 -14.31 -4.45
C CYS A 9 8.15 -14.25 -2.98
N SER A 10 8.16 -15.37 -2.24
CA SER A 10 7.70 -15.44 -0.84
C SER A 10 8.23 -16.68 -0.08
N ARG A 11 8.13 -16.63 1.26
CA ARG A 11 8.55 -17.69 2.21
C ARG A 11 7.91 -19.04 1.91
N GLU A 12 6.68 -19.03 1.40
CA GLU A 12 5.90 -20.22 1.05
C GLU A 12 6.63 -21.14 0.06
N ARG A 13 7.35 -20.57 -0.93
CA ARG A 13 8.15 -21.36 -1.89
C ARG A 13 9.35 -22.03 -1.20
N CYS A 14 10.01 -21.31 -0.30
CA CYS A 14 11.13 -21.83 0.49
C CYS A 14 10.66 -22.93 1.47
N ALA A 15 9.49 -22.73 2.09
CA ALA A 15 8.85 -23.69 2.97
C ALA A 15 8.48 -24.99 2.23
N ASP A 16 7.91 -24.88 1.01
CA ASP A 16 7.59 -26.02 0.15
C ASP A 16 8.84 -26.85 -0.19
N ALA A 17 9.95 -26.19 -0.49
CA ALA A 17 11.22 -26.85 -0.75
C ALA A 17 11.80 -27.59 0.47
N LEU A 18 11.59 -27.06 1.70
CA LEU A 18 12.04 -27.68 2.95
C LEU A 18 11.11 -28.83 3.38
N LYS A 19 9.78 -28.66 3.34
CA LYS A 19 8.80 -29.65 3.78
C LYS A 19 8.75 -30.93 2.94
N THR A 20 9.18 -30.86 1.67
CA THR A 20 9.22 -32.01 0.76
C THR A 20 10.42 -32.94 1.01
N LEU A 21 11.40 -32.54 1.82
CA LEU A 21 12.53 -33.37 2.25
C LEU A 21 12.06 -34.41 3.29
N PRO A 22 12.79 -35.53 3.50
CA PRO A 22 12.45 -36.53 4.52
C PRO A 22 12.24 -35.89 5.90
N ASP A 23 11.07 -36.11 6.51
CA ASP A 23 10.72 -35.50 7.81
C ASP A 23 11.74 -35.81 8.91
N GLU A 24 12.25 -37.03 8.96
CA GLU A 24 13.27 -37.47 9.93
C GLU A 24 14.60 -36.70 9.79
N GLU A 25 15.00 -36.34 8.56
CA GLU A 25 16.21 -35.55 8.31
C GLU A 25 16.04 -34.11 8.83
N VAL A 26 14.85 -33.52 8.61
CA VAL A 26 14.49 -32.18 9.12
C VAL A 26 14.47 -32.21 10.65
N ASP A 27 13.80 -33.20 11.24
CA ASP A 27 13.69 -33.38 12.70
C ASP A 27 15.06 -33.58 13.38
N SER A 28 15.99 -34.27 12.72
CA SER A 28 17.34 -34.51 13.24
C SER A 28 18.10 -33.21 13.51
N ILE A 29 17.98 -32.21 12.63
CA ILE A 29 18.61 -30.89 12.83
C ILE A 29 17.93 -30.16 14.00
N LEU A 30 16.59 -30.18 14.07
CA LEU A 30 15.84 -29.56 15.16
C LEU A 30 16.20 -30.17 16.53
N ALA A 31 16.44 -31.49 16.58
CA ALA A 31 16.85 -32.21 17.79
C ALA A 31 18.29 -31.88 18.28
N GLU A 32 19.09 -31.13 17.50
CA GLU A 32 20.47 -30.77 17.84
C GLU A 32 20.77 -29.25 17.82
N ASP A 33 19.96 -28.43 17.13
CA ASP A 33 20.14 -26.97 17.05
C ASP A 33 18.84 -26.13 17.14
N GLY A 34 17.67 -26.76 17.01
CA GLY A 34 16.35 -26.09 17.12
C GLY A 34 15.91 -25.25 15.90
N GLU A 35 16.78 -25.04 14.92
CA GLU A 35 16.48 -24.24 13.71
C GLU A 35 17.28 -24.67 12.47
N ILE A 36 16.78 -24.27 11.29
CA ILE A 36 17.31 -24.59 9.96
C ILE A 36 17.24 -23.34 9.07
N ASP A 37 18.36 -22.94 8.48
CA ASP A 37 18.44 -21.86 7.49
C ASP A 37 18.31 -22.50 6.09
N MET A 38 17.25 -22.17 5.36
CA MET A 38 16.93 -22.73 4.04
C MET A 38 17.17 -21.71 2.92
N HIS A 39 17.63 -22.21 1.76
CA HIS A 39 17.91 -21.39 0.58
C HIS A 39 16.71 -21.36 -0.40
N CYS A 40 16.37 -20.17 -0.87
CA CYS A 40 15.33 -19.90 -1.86
C CYS A 40 15.91 -20.16 -3.26
N ASP A 41 16.05 -21.43 -3.63
CA ASP A 41 16.63 -21.88 -4.91
C ASP A 41 15.99 -21.24 -6.17
N TYR A 42 14.76 -20.73 -6.03
CA TYR A 42 13.99 -20.04 -7.07
C TYR A 42 14.59 -18.70 -7.52
N CYS A 43 15.18 -17.92 -6.60
CA CYS A 43 15.78 -16.61 -6.88
C CYS A 43 17.14 -16.30 -6.21
N GLY A 44 17.52 -16.98 -5.12
CA GLY A 44 18.83 -16.82 -4.46
C GLY A 44 18.81 -16.31 -3.01
N ASN A 45 17.63 -15.96 -2.49
CA ASN A 45 17.44 -15.48 -1.11
C ASN A 45 17.54 -16.64 -0.08
N HIS A 46 17.27 -16.38 1.20
CA HIS A 46 17.24 -17.37 2.28
C HIS A 46 16.13 -17.05 3.30
N TYR A 47 15.72 -18.04 4.10
CA TYR A 47 14.68 -17.93 5.11
C TYR A 47 15.01 -18.90 6.26
N LEU A 48 14.86 -18.45 7.49
CA LEU A 48 15.14 -19.23 8.68
C LEU A 48 13.84 -19.86 9.20
N PHE A 49 13.90 -21.10 9.67
CA PHE A 49 12.78 -21.89 10.19
C PHE A 49 13.17 -22.55 11.52
N ASN A 50 12.24 -22.60 12.47
CA ASN A 50 12.44 -23.24 13.77
C ASN A 50 11.42 -24.36 14.02
N ALA A 51 11.59 -25.07 15.13
CA ALA A 51 10.72 -26.18 15.52
C ALA A 51 9.23 -25.79 15.62
N MET A 52 8.92 -24.58 16.11
CA MET A 52 7.54 -24.10 16.24
C MET A 52 6.91 -23.78 14.88
N ASP A 53 7.67 -23.20 13.94
CA ASP A 53 7.18 -22.87 12.59
C ASP A 53 6.99 -24.14 11.75
N ILE A 54 7.95 -25.07 11.83
CA ILE A 54 7.90 -26.37 11.15
C ILE A 54 6.73 -27.22 11.69
N ALA A 55 6.41 -27.10 12.98
CA ALA A 55 5.26 -27.80 13.58
C ALA A 55 3.93 -27.35 12.94
N GLU A 56 3.79 -26.07 12.56
CA GLU A 56 2.61 -25.59 11.83
C GLU A 56 2.63 -26.08 10.37
N ILE A 57 3.78 -26.08 9.69
CA ILE A 57 3.91 -26.61 8.33
C ILE A 57 3.47 -28.09 8.29
N ARG A 58 3.88 -28.88 9.29
CA ARG A 58 3.54 -30.29 9.51
C ARG A 58 2.03 -30.59 9.70
N ASN A 59 1.19 -29.59 10.02
CA ASN A 59 -0.25 -29.79 10.26
C ASN A 59 -1.20 -28.80 9.55
N ASN A 60 -0.66 -27.84 8.79
CA ASN A 60 -1.40 -26.81 8.05
C ASN A 60 -0.92 -26.63 6.58
N ALA A 61 0.24 -27.20 6.21
CA ALA A 61 0.78 -27.12 4.83
C ALA A 61 1.13 -28.50 4.23
N SER A 62 0.94 -29.59 4.98
CA SER A 62 1.17 -31.00 4.59
C SER A 62 0.15 -31.95 5.25
ZN ZN B . 12.60 -16.20 -3.35
N MET A 1 8.44 0.23 1.63
CA MET A 1 8.13 1.00 2.86
C MET A 1 9.34 1.84 3.28
N ASP A 2 9.14 3.12 3.58
CA ASP A 2 10.19 4.05 4.02
C ASP A 2 9.60 5.17 4.91
N VAL A 3 10.30 5.54 5.99
CA VAL A 3 9.93 6.60 6.94
C VAL A 3 11.15 7.15 7.68
N GLU A 4 11.15 8.45 7.97
CA GLU A 4 12.23 9.15 8.70
C GLU A 4 12.06 8.97 10.21
N PHE A 5 12.59 7.86 10.75
CA PHE A 5 12.46 7.49 12.17
C PHE A 5 13.02 8.53 13.16
N LYS A 6 12.33 8.64 14.31
CA LYS A 6 12.63 9.51 15.48
C LYS A 6 12.16 8.76 16.74
N CYS A 7 12.80 8.97 17.89
CA CYS A 7 12.40 8.37 19.15
C CYS A 7 11.07 8.93 19.71
N THR A 8 10.44 8.14 20.58
CA THR A 8 9.22 8.49 21.32
C THR A 8 9.46 9.63 22.32
N CYS A 9 10.67 9.70 22.92
CA CYS A 9 11.06 10.78 23.82
C CYS A 9 11.63 12.00 23.04
N SER A 10 11.81 13.14 23.72
CA SER A 10 12.16 14.41 23.08
C SER A 10 13.33 14.39 22.10
N ARG A 11 12.98 14.79 20.88
CA ARG A 11 13.86 15.02 19.74
C ARG A 11 14.87 16.13 20.03
N GLU A 12 14.46 17.11 20.84
CA GLU A 12 15.28 18.26 21.23
C GLU A 12 16.56 17.84 21.96
N ARG A 13 16.48 16.82 22.82
CA ARG A 13 17.64 16.29 23.57
C ARG A 13 18.68 15.68 22.63
N CYS A 14 18.25 14.88 21.65
CA CYS A 14 19.13 14.32 20.62
C CYS A 14 19.70 15.42 19.70
N ALA A 15 18.87 16.40 19.32
CA ALA A 15 19.27 17.51 18.47
C ALA A 15 20.37 18.34 19.15
N ASP A 16 20.30 18.60 20.45
CA ASP A 16 21.34 19.30 21.21
C ASP A 16 22.69 18.53 21.18
N ALA A 17 22.65 17.20 21.25
CA ALA A 17 23.85 16.35 21.15
C ALA A 17 24.50 16.44 19.75
N LEU A 18 23.70 16.61 18.69
CA LEU A 18 24.16 16.80 17.31
C LEU A 18 24.75 18.23 17.16
N LYS A 19 24.12 19.24 17.78
CA LYS A 19 24.52 20.65 17.79
C LYS A 19 25.94 20.95 18.29
N THR A 20 26.59 20.02 19.00
CA THR A 20 27.93 20.19 19.59
C THR A 20 29.02 19.35 18.91
N LEU A 21 28.68 18.51 17.93
CA LEU A 21 29.66 17.73 17.16
C LEU A 21 30.60 18.66 16.36
N PRO A 22 31.88 18.30 16.13
CA PRO A 22 32.82 19.12 15.36
C PRO A 22 32.25 19.55 14.00
N ASP A 23 32.29 20.85 13.70
CA ASP A 23 31.72 21.40 12.46
C ASP A 23 32.36 20.81 11.19
N GLU A 24 33.67 20.57 11.22
CA GLU A 24 34.41 19.96 10.11
C GLU A 24 33.99 18.49 9.89
N GLU A 25 33.74 17.73 10.97
CA GLU A 25 33.26 16.34 10.90
C GLU A 25 31.84 16.30 10.31
N VAL A 26 30.95 17.17 10.79
CA VAL A 26 29.58 17.31 10.26
C VAL A 26 29.61 17.67 8.77
N ASP A 27 30.45 18.62 8.37
CA ASP A 27 30.61 19.01 6.97
C ASP A 27 31.08 17.84 6.08
N SER A 28 32.03 17.02 6.55
CA SER A 28 32.50 15.83 5.82
C SER A 28 31.36 14.81 5.60
N ILE A 29 30.53 14.55 6.62
CA ILE A 29 29.37 13.65 6.50
C ILE A 29 28.36 14.22 5.49
N LEU A 30 28.04 15.52 5.58
CA LEU A 30 27.12 16.18 4.65
C LEU A 30 27.63 16.16 3.19
N ALA A 31 28.95 16.22 2.99
CA ALA A 31 29.59 16.17 1.67
C ALA A 31 29.63 14.76 1.03
N GLU A 32 29.28 13.69 1.77
CA GLU A 32 29.31 12.30 1.26
C GLU A 32 27.99 11.52 1.43
N ASP A 33 27.13 11.88 2.39
CA ASP A 33 25.85 11.23 2.67
C ASP A 33 24.66 12.21 2.76
N GLY A 34 24.91 13.50 3.08
CA GLY A 34 23.88 14.55 3.17
C GLY A 34 22.88 14.41 4.34
N GLU A 35 23.08 13.44 5.23
CA GLU A 35 22.23 13.16 6.40
C GLU A 35 23.07 12.52 7.52
N ILE A 36 22.56 12.56 8.75
CA ILE A 36 23.19 12.00 9.96
C ILE A 36 22.21 11.09 10.71
N ASP A 37 22.74 9.95 11.15
CA ASP A 37 22.07 8.99 12.03
C ASP A 37 22.66 9.19 13.44
N MET A 38 21.80 9.38 14.44
CA MET A 38 22.20 9.64 15.83
C MET A 38 21.48 8.69 16.80
N HIS A 39 22.19 8.27 17.86
CA HIS A 39 21.70 7.32 18.85
C HIS A 39 21.08 8.04 20.07
N CYS A 40 19.98 7.48 20.56
CA CYS A 40 19.24 7.94 21.74
C CYS A 40 19.86 7.35 23.02
N ASP A 41 20.91 7.97 23.55
CA ASP A 41 21.58 7.51 24.78
C ASP A 41 20.65 7.46 26.02
N TYR A 42 19.47 8.08 25.93
CA TYR A 42 18.43 8.11 26.96
C TYR A 42 17.71 6.75 27.16
N CYS A 43 17.44 6.01 26.08
CA CYS A 43 16.73 4.72 26.12
C CYS A 43 17.18 3.63 25.11
N GLY A 44 18.05 3.93 24.13
CA GLY A 44 18.62 2.97 23.18
C GLY A 44 18.13 3.05 21.73
N ASN A 45 17.18 3.94 21.44
CA ASN A 45 16.60 4.18 20.11
C ASN A 45 17.54 5.00 19.18
N HIS A 46 17.02 5.47 18.05
CA HIS A 46 17.74 6.22 17.01
C HIS A 46 16.88 7.35 16.40
N TYR A 47 17.52 8.29 15.70
CA TYR A 47 16.90 9.43 15.02
C TYR A 47 17.69 9.71 13.75
N LEU A 48 17.00 10.16 12.70
CA LEU A 48 17.61 10.55 11.44
C LEU A 48 17.42 12.06 11.22
N PHE A 49 18.45 12.76 10.70
CA PHE A 49 18.41 14.20 10.43
C PHE A 49 19.02 14.50 9.06
N ASN A 50 18.32 15.24 8.20
CA ASN A 50 18.80 15.63 6.87
C ASN A 50 19.58 16.96 6.93
N ALA A 51 20.26 17.36 5.85
CA ALA A 51 21.06 18.59 5.82
C ALA A 51 20.27 19.85 6.25
N MET A 52 19.02 20.00 5.78
CA MET A 52 18.15 21.12 6.18
C MET A 52 17.74 21.05 7.66
N ASP A 53 17.48 19.85 8.19
CA ASP A 53 17.12 19.63 9.60
C ASP A 53 18.31 19.96 10.52
N ILE A 54 19.51 19.47 10.15
CA ILE A 54 20.77 19.76 10.83
C ILE A 54 21.05 21.26 10.83
N ALA A 55 20.77 21.96 9.71
CA ALA A 55 20.98 23.39 9.58
C ALA A 55 20.13 24.21 10.56
N GLU A 56 18.83 23.92 10.72
CA GLU A 56 17.99 24.65 11.68
C GLU A 56 18.36 24.30 13.14
N ILE A 57 18.72 23.05 13.41
CA ILE A 57 19.18 22.62 14.75
C ILE A 57 20.46 23.36 15.14
N ARG A 58 21.45 23.44 14.23
CA ARG A 58 22.75 24.09 14.48
C ARG A 58 22.72 25.62 14.55
N ASN A 59 21.77 26.26 13.86
CA ASN A 59 21.67 27.73 13.78
C ASN A 59 20.53 28.37 14.61
N ASN A 60 19.62 27.59 15.18
CA ASN A 60 18.50 28.07 16.00
C ASN A 60 18.03 27.12 17.13
N ALA A 61 18.32 25.81 17.02
CA ALA A 61 17.96 24.76 17.98
C ALA A 61 16.45 24.63 18.32
N SER A 62 15.57 25.29 17.54
CA SER A 62 14.11 25.30 17.68
C SER A 62 13.41 25.77 16.38
ZN ZN B . 14.61 7.86 23.34
N MET A 1 18.22 6.40 -7.28
CA MET A 1 18.86 5.05 -7.39
C MET A 1 18.35 4.13 -6.28
N ASP A 2 18.24 2.84 -6.57
CA ASP A 2 17.77 1.82 -5.60
C ASP A 2 18.77 1.59 -4.43
N VAL A 3 18.33 0.90 -3.38
CA VAL A 3 19.11 0.59 -2.15
C VAL A 3 19.02 -0.89 -1.77
N GLU A 4 19.87 -1.34 -0.86
CA GLU A 4 19.97 -2.74 -0.39
C GLU A 4 20.08 -2.83 1.16
N PHE A 5 19.43 -1.87 1.84
CA PHE A 5 19.41 -1.73 3.30
C PHE A 5 18.11 -1.06 3.80
N LYS A 6 17.83 -1.23 5.09
CA LYS A 6 16.68 -0.67 5.83
C LYS A 6 16.99 -0.57 7.34
N CYS A 7 16.08 -0.01 8.12
CA CYS A 7 16.22 0.18 9.57
C CYS A 7 16.48 -1.12 10.35
N THR A 8 17.35 -1.06 11.36
CA THR A 8 17.76 -2.19 12.22
C THR A 8 17.54 -1.93 13.72
N CYS A 9 17.28 -0.68 14.13
CA CYS A 9 17.04 -0.28 15.52
C CYS A 9 15.54 -0.09 15.87
N SER A 10 14.67 -0.11 14.85
CA SER A 10 13.21 0.00 14.92
C SER A 10 12.68 1.35 15.46
N ARG A 11 11.34 1.48 15.49
CA ARG A 11 10.61 2.69 15.91
C ARG A 11 10.97 3.18 17.31
N GLU A 12 11.35 2.26 18.19
CA GLU A 12 11.72 2.54 19.59
C GLU A 12 12.83 3.61 19.74
N ARG A 13 13.85 3.59 18.87
CA ARG A 13 14.90 4.63 18.88
C ARG A 13 14.39 5.98 18.39
N CYS A 14 13.50 5.97 17.39
CA CYS A 14 12.86 7.17 16.85
C CYS A 14 11.89 7.79 17.89
N ALA A 15 11.18 6.96 18.64
CA ALA A 15 10.27 7.35 19.72
C ALA A 15 11.03 8.09 20.84
N ASP A 16 12.17 7.53 21.28
CA ASP A 16 13.04 8.12 22.29
C ASP A 16 13.58 9.50 21.84
N ALA A 17 13.87 9.67 20.55
CA ALA A 17 14.31 10.93 19.97
C ALA A 17 13.19 11.99 19.89
N LEU A 18 11.93 11.58 19.67
CA LEU A 18 10.77 12.47 19.60
C LEU A 18 10.32 12.92 21.01
N LYS A 19 10.22 12.01 21.98
CA LYS A 19 9.73 12.29 23.33
C LYS A 19 10.60 13.25 24.17
N THR A 20 11.89 13.39 23.84
CA THR A 20 12.80 14.32 24.54
C THR A 20 12.62 15.78 24.12
N LEU A 21 11.89 16.07 23.04
CA LEU A 21 11.59 17.44 22.60
C LEU A 21 10.69 18.18 23.63
N PRO A 22 10.69 19.53 23.66
CA PRO A 22 9.89 20.32 24.60
C PRO A 22 8.41 19.93 24.67
N ASP A 23 7.89 19.76 25.88
CA ASP A 23 6.50 19.34 26.14
C ASP A 23 5.46 20.24 25.45
N GLU A 24 5.65 21.56 25.53
CA GLU A 24 4.77 22.55 24.91
C GLU A 24 4.82 22.49 23.38
N GLU A 25 6.00 22.29 22.79
CA GLU A 25 6.17 22.16 21.33
C GLU A 25 5.44 20.92 20.80
N VAL A 26 5.59 19.76 21.48
CA VAL A 26 4.89 18.51 21.14
C VAL A 26 3.37 18.69 21.27
N ASP A 27 2.91 19.25 22.40
CA ASP A 27 1.49 19.50 22.67
C ASP A 27 0.80 20.37 21.60
N SER A 28 1.46 21.43 21.10
CA SER A 28 0.91 22.30 20.06
C SER A 28 0.56 21.56 18.77
N ILE A 29 1.41 20.62 18.30
CA ILE A 29 1.12 19.83 17.10
C ILE A 29 -0.06 18.88 17.35
N LEU A 30 -0.08 18.20 18.50
CA LEU A 30 -1.18 17.29 18.85
C LEU A 30 -2.53 18.01 19.00
N ALA A 31 -2.53 19.27 19.42
CA ALA A 31 -3.72 20.11 19.54
C ALA A 31 -4.29 20.64 18.20
N GLU A 32 -3.58 20.46 17.07
CA GLU A 32 -4.00 20.96 15.75
C GLU A 32 -4.01 19.89 14.63
N ASP A 33 -3.18 18.85 14.72
CA ASP A 33 -3.05 17.76 13.75
C ASP A 33 -3.16 16.34 14.36
N GLY A 34 -2.87 16.19 15.65
CA GLY A 34 -2.96 14.90 16.38
C GLY A 34 -1.84 13.89 16.09
N GLU A 35 -0.85 14.24 15.26
CA GLU A 35 0.27 13.37 14.89
C GLU A 35 1.56 14.13 14.55
N ILE A 36 2.70 13.44 14.71
CA ILE A 36 4.07 13.94 14.46
C ILE A 36 4.88 12.83 13.77
N ASP A 37 5.64 13.20 12.74
CA ASP A 37 6.56 12.32 12.02
C ASP A 37 8.01 12.67 12.44
N MET A 38 8.85 11.65 12.65
CA MET A 38 10.24 11.81 13.10
C MET A 38 11.20 10.96 12.26
N HIS A 39 12.44 11.41 12.13
CA HIS A 39 13.49 10.78 11.33
C HIS A 39 14.41 9.84 12.12
N CYS A 40 14.65 8.65 11.55
CA CYS A 40 15.59 7.65 12.03
C CYS A 40 16.99 8.02 11.51
N ASP A 41 17.65 9.00 12.12
CA ASP A 41 19.01 9.41 11.73
C ASP A 41 20.05 8.29 11.92
N TYR A 42 19.68 7.26 12.70
CA TYR A 42 20.46 6.05 12.99
C TYR A 42 20.69 5.17 11.73
N CYS A 43 19.66 5.06 10.87
CA CYS A 43 19.65 4.20 9.69
C CYS A 43 19.35 4.91 8.36
N GLY A 44 18.46 5.93 8.36
CA GLY A 44 18.06 6.67 7.16
C GLY A 44 16.61 6.39 6.76
N ASN A 45 15.69 6.43 7.73
CA ASN A 45 14.26 6.12 7.58
C ASN A 45 13.40 7.14 8.35
N HIS A 46 12.09 6.94 8.47
CA HIS A 46 11.17 7.78 9.24
C HIS A 46 10.06 6.94 9.89
N TYR A 47 9.37 7.49 10.89
CA TYR A 47 8.30 6.83 11.63
C TYR A 47 7.28 7.88 12.06
N LEU A 48 6.01 7.48 12.04
CA LEU A 48 4.88 8.34 12.37
C LEU A 48 4.30 7.95 13.75
N PHE A 49 3.88 8.95 14.51
CA PHE A 49 3.32 8.80 15.86
C PHE A 49 2.08 9.68 16.05
N ASN A 50 1.16 9.25 16.90
CA ASN A 50 -0.06 9.98 17.25
C ASN A 50 -0.10 10.24 18.78
N ALA A 51 -1.09 11.00 19.24
CA ALA A 51 -1.24 11.31 20.67
C ALA A 51 -1.31 10.04 21.55
N MET A 52 -1.99 9.00 21.08
CA MET A 52 -2.13 7.71 21.75
C MET A 52 -0.78 6.97 21.88
N ASP A 53 0.05 7.01 20.83
CA ASP A 53 1.39 6.40 20.83
C ASP A 53 2.31 7.16 21.79
N ILE A 54 2.32 8.49 21.69
CA ILE A 54 3.12 9.40 22.51
C ILE A 54 2.79 9.24 24.00
N ALA A 55 1.51 9.06 24.34
CA ALA A 55 1.08 8.82 25.72
C ALA A 55 1.71 7.54 26.31
N GLU A 56 1.82 6.46 25.54
CA GLU A 56 2.48 5.23 25.99
C GLU A 56 4.01 5.39 26.05
N ILE A 57 4.61 6.06 25.05
CA ILE A 57 6.06 6.35 25.00
C ILE A 57 6.50 7.16 26.23
N ARG A 58 5.71 8.17 26.64
CA ARG A 58 5.93 9.01 27.83
C ARG A 58 5.86 8.23 29.15
N ASN A 59 5.34 6.99 29.12
CA ASN A 59 5.21 6.08 30.25
C ASN A 59 6.00 4.75 30.05
N ASN A 60 6.90 4.70 29.06
CA ASN A 60 7.72 3.52 28.74
C ASN A 60 9.19 3.88 28.42
N ALA A 61 9.44 5.00 27.73
CA ALA A 61 10.78 5.51 27.39
C ALA A 61 11.37 6.45 28.48
N SER A 62 10.63 6.68 29.57
CA SER A 62 10.98 7.55 30.71
C SER A 62 10.71 6.85 32.06
ZN ZN B . 16.83 2.78 12.59
N MET A 1 6.09 -38.07 -3.66
CA MET A 1 6.78 -36.87 -3.10
C MET A 1 8.07 -36.59 -3.87
N ASP A 2 8.33 -35.33 -4.22
CA ASP A 2 9.49 -34.91 -5.04
C ASP A 2 10.27 -33.70 -4.47
N VAL A 3 10.11 -33.43 -3.17
CA VAL A 3 10.78 -32.34 -2.43
C VAL A 3 11.00 -32.75 -0.97
N GLU A 4 12.03 -32.20 -0.31
CA GLU A 4 12.42 -32.54 1.06
C GLU A 4 12.02 -31.47 2.10
N PHE A 5 10.97 -30.69 1.77
CA PHE A 5 10.40 -29.64 2.61
C PHE A 5 8.91 -29.42 2.28
N LYS A 6 8.10 -29.16 3.32
CA LYS A 6 6.67 -28.83 3.25
C LYS A 6 6.21 -28.15 4.54
N CYS A 7 4.90 -27.86 4.63
CA CYS A 7 4.24 -27.20 5.75
C CYS A 7 4.55 -27.79 7.14
N THR A 8 4.60 -26.95 8.18
CA THR A 8 4.88 -27.40 9.56
C THR A 8 3.65 -27.97 10.29
N CYS A 9 2.44 -27.72 9.79
CA CYS A 9 1.17 -28.20 10.37
C CYS A 9 0.49 -29.23 9.45
N SER A 10 -0.38 -28.79 8.54
CA SER A 10 -1.13 -29.63 7.61
C SER A 10 -1.76 -28.87 6.44
N ARG A 11 -1.99 -29.58 5.33
CA ARG A 11 -2.72 -29.10 4.13
C ARG A 11 -4.11 -28.60 4.49
N GLU A 12 -4.71 -29.18 5.52
CA GLU A 12 -6.02 -28.82 6.07
C GLU A 12 -6.10 -27.34 6.50
N ARG A 13 -5.02 -26.79 7.05
CA ARG A 13 -4.94 -25.36 7.43
C ARG A 13 -4.98 -24.46 6.20
N CYS A 14 -4.20 -24.82 5.18
CA CYS A 14 -4.18 -24.13 3.87
C CYS A 14 -5.55 -24.24 3.16
N ALA A 15 -6.20 -25.41 3.26
CA ALA A 15 -7.54 -25.65 2.71
C ALA A 15 -8.59 -24.74 3.37
N ASP A 16 -8.52 -24.56 4.69
CA ASP A 16 -9.39 -23.64 5.44
C ASP A 16 -9.14 -22.18 5.02
N ALA A 17 -7.89 -21.82 4.74
CA ALA A 17 -7.53 -20.49 4.23
C ALA A 17 -8.10 -20.25 2.81
N LEU A 18 -8.07 -21.26 1.93
CA LEU A 18 -8.64 -21.22 0.58
C LEU A 18 -10.16 -20.99 0.65
N LYS A 19 -10.87 -21.68 1.56
CA LYS A 19 -12.30 -21.56 1.82
C LYS A 19 -12.81 -20.12 2.07
N THR A 20 -11.94 -19.20 2.49
CA THR A 20 -12.32 -17.79 2.70
C THR A 20 -12.71 -17.05 1.42
N LEU A 21 -12.25 -17.52 0.24
CA LEU A 21 -12.57 -16.94 -1.06
C LEU A 21 -14.05 -17.23 -1.46
N PRO A 22 -14.72 -16.33 -2.21
CA PRO A 22 -16.11 -16.52 -2.66
C PRO A 22 -16.32 -17.83 -3.43
N ASP A 23 -17.45 -18.51 -3.20
CA ASP A 23 -17.79 -19.78 -3.87
C ASP A 23 -17.77 -19.68 -5.40
N GLU A 24 -18.37 -18.61 -5.94
CA GLU A 24 -18.42 -18.34 -7.38
C GLU A 24 -17.02 -18.06 -7.96
N GLU A 25 -16.15 -17.37 -7.21
CA GLU A 25 -14.77 -17.08 -7.63
C GLU A 25 -13.93 -18.36 -7.66
N VAL A 26 -14.02 -19.20 -6.61
CA VAL A 26 -13.34 -20.50 -6.52
C VAL A 26 -13.77 -21.40 -7.67
N ASP A 27 -15.08 -21.52 -7.91
CA ASP A 27 -15.64 -22.32 -9.01
C ASP A 27 -15.20 -21.81 -10.40
N SER A 28 -15.05 -20.50 -10.58
CA SER A 28 -14.60 -19.89 -11.84
C SER A 28 -13.18 -20.33 -12.24
N ILE A 29 -12.24 -20.47 -11.28
CA ILE A 29 -10.89 -20.95 -11.58
C ILE A 29 -10.91 -22.43 -12.00
N LEU A 30 -11.71 -23.26 -11.31
CA LEU A 30 -11.88 -24.68 -11.65
C LEU A 30 -12.48 -24.84 -13.07
N ALA A 31 -13.41 -23.98 -13.45
CA ALA A 31 -14.03 -23.95 -14.78
C ALA A 31 -13.07 -23.51 -15.91
N GLU A 32 -11.87 -23.03 -15.59
CA GLU A 32 -10.89 -22.48 -16.55
C GLU A 32 -9.53 -23.20 -16.55
N ASP A 33 -9.11 -23.79 -15.42
CA ASP A 33 -7.83 -24.51 -15.28
C ASP A 33 -7.91 -25.83 -14.47
N GLY A 34 -9.02 -26.10 -13.76
CA GLY A 34 -9.24 -27.32 -12.99
C GLY A 34 -8.51 -27.41 -11.64
N GLU A 35 -7.66 -26.43 -11.29
CA GLU A 35 -6.90 -26.40 -10.03
C GLU A 35 -6.60 -24.97 -9.54
N ILE A 36 -6.28 -24.83 -8.25
CA ILE A 36 -6.02 -23.56 -7.55
C ILE A 36 -4.78 -23.70 -6.66
N ASP A 37 -3.92 -22.68 -6.67
CA ASP A 37 -2.72 -22.58 -5.83
C ASP A 37 -3.00 -21.66 -4.61
N MET A 38 -2.74 -22.14 -3.40
CA MET A 38 -2.92 -21.39 -2.14
C MET A 38 -1.74 -21.61 -1.19
N HIS A 39 -1.53 -20.67 -0.26
CA HIS A 39 -0.48 -20.71 0.76
C HIS A 39 -1.07 -20.75 2.18
N CYS A 40 -0.42 -21.53 3.07
CA CYS A 40 -0.82 -21.70 4.47
C CYS A 40 -0.84 -20.35 5.21
N ASP A 41 -1.94 -20.04 5.89
CA ASP A 41 -2.09 -18.81 6.68
C ASP A 41 -1.18 -18.78 7.93
N TYR A 42 -0.63 -19.92 8.32
CA TYR A 42 0.22 -20.11 9.50
C TYR A 42 1.72 -20.20 9.17
N CYS A 43 2.07 -20.87 8.06
CA CYS A 43 3.46 -21.16 7.65
C CYS A 43 3.92 -20.50 6.33
N GLY A 44 3.00 -20.01 5.49
CA GLY A 44 3.31 -19.44 4.17
C GLY A 44 3.64 -20.48 3.09
N ASN A 45 3.71 -21.77 3.45
CA ASN A 45 3.99 -22.88 2.54
C ASN A 45 2.86 -23.05 1.50
N HIS A 46 3.21 -23.22 0.22
CA HIS A 46 2.24 -23.39 -0.87
C HIS A 46 1.77 -24.86 -1.04
N TYR A 47 0.53 -25.01 -1.51
CA TYR A 47 -0.15 -26.26 -1.83
C TYR A 47 -1.04 -26.01 -3.05
N LEU A 48 -1.38 -27.09 -3.75
CA LEU A 48 -2.28 -27.08 -4.90
C LEU A 48 -3.56 -27.87 -4.57
N PHE A 49 -4.70 -27.39 -5.05
CA PHE A 49 -6.02 -27.98 -4.79
C PHE A 49 -6.77 -28.19 -6.11
N ASN A 50 -7.57 -29.26 -6.17
CA ASN A 50 -8.30 -29.71 -7.35
C ASN A 50 -9.82 -29.58 -7.16
N ALA A 51 -10.62 -29.79 -8.21
CA ALA A 51 -12.08 -29.74 -8.11
C ALA A 51 -12.63 -30.71 -7.03
N MET A 52 -12.01 -31.88 -6.88
CA MET A 52 -12.34 -32.87 -5.85
C MET A 52 -12.04 -32.34 -4.44
N ASP A 53 -10.94 -31.59 -4.25
CA ASP A 53 -10.59 -31.00 -2.95
C ASP A 53 -11.61 -29.92 -2.56
N ILE A 54 -11.94 -29.00 -3.48
CA ILE A 54 -12.93 -27.94 -3.25
C ILE A 54 -14.31 -28.57 -2.93
N ALA A 55 -14.69 -29.64 -3.64
CA ALA A 55 -15.94 -30.35 -3.40
C ALA A 55 -16.01 -30.93 -1.96
N GLU A 56 -14.90 -31.47 -1.44
CA GLU A 56 -14.84 -31.98 -0.06
C GLU A 56 -14.84 -30.84 0.96
N ILE A 57 -14.09 -29.75 0.71
CA ILE A 57 -14.03 -28.56 1.59
C ILE A 57 -15.43 -27.94 1.76
N ARG A 58 -16.21 -27.82 0.67
CA ARG A 58 -17.59 -27.29 0.66
C ARG A 58 -18.62 -28.20 1.34
N ASN A 59 -18.24 -29.45 1.63
CA ASN A 59 -19.04 -30.45 2.35
C ASN A 59 -18.46 -30.77 3.75
N ASN A 60 -17.48 -29.97 4.21
CA ASN A 60 -16.82 -30.08 5.51
C ASN A 60 -16.89 -28.75 6.29
N ALA A 61 -16.75 -27.60 5.61
CA ALA A 61 -16.86 -26.27 6.21
C ALA A 61 -18.32 -25.94 6.62
N SER A 62 -18.48 -24.94 7.50
CA SER A 62 -19.76 -24.44 8.02
C SER A 62 -19.73 -22.96 8.42
ZN ZN B . 1.09 -24.50 7.90
N MET A 1 19.69 -16.55 -11.90
CA MET A 1 19.72 -15.86 -10.59
C MET A 1 19.15 -16.76 -9.49
N ASP A 2 19.35 -16.40 -8.21
CA ASP A 2 18.94 -17.16 -7.02
C ASP A 2 18.17 -16.30 -5.99
N VAL A 3 17.49 -15.24 -6.47
CA VAL A 3 16.70 -14.30 -5.66
C VAL A 3 15.53 -14.94 -4.91
N GLU A 4 15.07 -14.29 -3.84
CA GLU A 4 13.91 -14.70 -3.03
C GLU A 4 12.58 -14.33 -3.74
N PHE A 5 12.33 -14.95 -4.90
CA PHE A 5 11.14 -14.73 -5.73
C PHE A 5 9.83 -14.91 -4.95
N LYS A 6 8.82 -14.06 -5.22
CA LYS A 6 7.52 -14.04 -4.56
C LYS A 6 6.39 -13.50 -5.47
N CYS A 7 5.16 -13.55 -4.97
CA CYS A 7 3.94 -13.11 -5.66
C CYS A 7 4.04 -11.68 -6.23
N THR A 8 3.43 -11.48 -7.39
CA THR A 8 3.29 -10.20 -8.11
C THR A 8 2.06 -9.42 -7.60
N CYS A 9 1.79 -9.51 -6.30
CA CYS A 9 0.68 -8.93 -5.55
C CYS A 9 0.28 -7.51 -6.00
N SER A 10 -1.01 -7.36 -6.29
CA SER A 10 -1.66 -6.11 -6.69
C SER A 10 -3.16 -6.21 -6.42
N ARG A 11 -3.78 -5.06 -6.13
CA ARG A 11 -5.23 -4.94 -5.94
C ARG A 11 -6.00 -5.44 -7.16
N GLU A 12 -5.42 -5.24 -8.35
CA GLU A 12 -5.97 -5.66 -9.63
C GLU A 12 -6.16 -7.18 -9.75
N ARG A 13 -5.25 -7.98 -9.17
CA ARG A 13 -5.34 -9.46 -9.19
C ARG A 13 -6.49 -9.95 -8.29
N CYS A 14 -6.59 -9.40 -7.09
CA CYS A 14 -7.66 -9.63 -6.14
C CYS A 14 -9.04 -9.15 -6.67
N ALA A 15 -9.09 -8.01 -7.37
CA ALA A 15 -10.31 -7.47 -7.96
C ALA A 15 -10.91 -8.43 -9.01
N ASP A 16 -10.07 -9.05 -9.85
CA ASP A 16 -10.51 -10.04 -10.83
C ASP A 16 -11.11 -11.29 -10.14
N ALA A 17 -10.50 -11.73 -9.03
CA ALA A 17 -10.99 -12.84 -8.21
C ALA A 17 -12.35 -12.53 -7.55
N LEU A 18 -12.62 -11.27 -7.18
CA LEU A 18 -13.88 -10.79 -6.65
C LEU A 18 -14.95 -10.77 -7.77
N LYS A 19 -14.60 -10.29 -8.97
CA LYS A 19 -15.49 -10.19 -10.13
C LYS A 19 -16.20 -11.49 -10.53
N THR A 20 -15.57 -12.66 -10.37
CA THR A 20 -16.15 -13.96 -10.75
C THR A 20 -17.27 -14.44 -9.82
N LEU A 21 -17.47 -13.84 -8.64
CA LEU A 21 -18.56 -14.16 -7.72
C LEU A 21 -19.93 -13.68 -8.27
N PRO A 22 -21.07 -14.28 -7.86
CA PRO A 22 -22.40 -13.84 -8.28
C PRO A 22 -22.62 -12.35 -7.93
N ASP A 23 -22.96 -11.53 -8.93
CA ASP A 23 -23.17 -10.09 -8.74
C ASP A 23 -24.29 -9.76 -7.73
N GLU A 24 -25.33 -10.58 -7.67
CA GLU A 24 -26.41 -10.48 -6.68
C GLU A 24 -25.92 -10.77 -5.25
N GLU A 25 -25.03 -11.76 -5.08
CA GLU A 25 -24.44 -12.13 -3.78
C GLU A 25 -23.49 -11.02 -3.27
N VAL A 26 -22.68 -10.46 -4.18
CA VAL A 26 -21.75 -9.34 -3.88
C VAL A 26 -22.52 -8.12 -3.38
N ASP A 27 -23.66 -7.80 -4.01
CA ASP A 27 -24.52 -6.70 -3.59
C ASP A 27 -25.12 -6.91 -2.18
N SER A 28 -25.44 -8.16 -1.79
CA SER A 28 -25.96 -8.47 -0.45
C SER A 28 -24.97 -8.11 0.66
N ILE A 29 -23.65 -8.25 0.44
CA ILE A 29 -22.64 -7.87 1.43
C ILE A 29 -22.64 -6.36 1.68
N LEU A 30 -22.90 -5.55 0.64
CA LEU A 30 -23.00 -4.08 0.80
C LEU A 30 -24.18 -3.67 1.68
N ALA A 31 -25.26 -4.47 1.69
CA ALA A 31 -26.44 -4.27 2.52
C ALA A 31 -26.28 -4.80 3.97
N GLU A 32 -25.16 -5.46 4.30
CA GLU A 32 -24.89 -6.05 5.63
C GLU A 32 -23.59 -5.56 6.30
N ASP A 33 -22.57 -5.15 5.54
CA ASP A 33 -21.27 -4.67 6.06
C ASP A 33 -20.69 -3.48 5.28
N GLY A 34 -21.02 -3.32 3.99
CA GLY A 34 -20.55 -2.21 3.14
C GLY A 34 -19.17 -2.39 2.49
N GLU A 35 -18.50 -3.52 2.70
CA GLU A 35 -17.16 -3.84 2.16
C GLU A 35 -16.88 -5.35 2.16
N ILE A 36 -15.84 -5.77 1.43
CA ILE A 36 -15.39 -7.17 1.31
C ILE A 36 -13.87 -7.27 1.56
N ASP A 37 -13.48 -8.26 2.37
CA ASP A 37 -12.09 -8.62 2.68
C ASP A 37 -11.68 -9.76 1.74
N MET A 38 -10.95 -9.43 0.68
CA MET A 38 -10.49 -10.37 -0.35
C MET A 38 -9.12 -10.96 -0.06
N HIS A 39 -8.91 -12.17 -0.60
CA HIS A 39 -7.68 -12.95 -0.47
C HIS A 39 -7.11 -13.22 -1.87
N CYS A 40 -5.84 -12.86 -2.08
CA CYS A 40 -5.08 -13.02 -3.31
C CYS A 40 -5.16 -14.46 -3.84
N ASP A 41 -5.69 -14.65 -5.04
CA ASP A 41 -5.80 -15.97 -5.69
C ASP A 41 -4.43 -16.61 -5.98
N TYR A 42 -3.36 -15.80 -5.94
CA TYR A 42 -1.98 -16.18 -6.21
C TYR A 42 -1.18 -16.63 -4.96
N CYS A 43 -1.38 -15.97 -3.80
CA CYS A 43 -0.68 -16.31 -2.54
C CYS A 43 -1.51 -16.22 -1.22
N GLY A 44 -2.72 -15.67 -1.22
CA GLY A 44 -3.60 -15.55 -0.05
C GLY A 44 -3.59 -14.20 0.68
N ASN A 45 -2.69 -13.27 0.30
CA ASN A 45 -2.55 -11.93 0.89
C ASN A 45 -3.88 -11.12 0.89
N HIS A 46 -4.09 -10.29 1.92
CA HIS A 46 -5.31 -9.51 2.10
C HIS A 46 -5.34 -8.19 1.30
N TYR A 47 -6.53 -7.84 0.78
CA TYR A 47 -6.87 -6.61 0.08
C TYR A 47 -8.35 -6.30 0.35
N LEU A 48 -8.66 -5.06 0.72
CA LEU A 48 -10.02 -4.63 1.05
C LEU A 48 -10.69 -3.82 -0.08
N PHE A 49 -11.99 -4.02 -0.28
CA PHE A 49 -12.79 -3.34 -1.30
C PHE A 49 -14.06 -2.76 -0.68
N ASN A 50 -14.30 -1.46 -0.89
CA ASN A 50 -15.45 -0.73 -0.34
C ASN A 50 -16.64 -0.75 -1.30
N ALA A 51 -17.81 -0.26 -0.89
CA ALA A 51 -18.99 -0.17 -1.75
C ALA A 51 -18.71 0.61 -3.04
N MET A 52 -17.93 1.70 -2.95
CA MET A 52 -17.51 2.54 -4.08
C MET A 52 -16.60 1.78 -5.07
N ASP A 53 -15.71 0.92 -4.55
CA ASP A 53 -14.81 0.09 -5.36
C ASP A 53 -15.59 -1.04 -6.06
N ILE A 54 -16.42 -1.74 -5.27
CA ILE A 54 -17.25 -2.87 -5.69
C ILE A 54 -18.23 -2.44 -6.78
N ALA A 55 -18.82 -1.24 -6.68
CA ALA A 55 -19.74 -0.73 -7.69
C ALA A 55 -19.14 -0.70 -9.11
N GLU A 56 -17.87 -0.32 -9.25
CA GLU A 56 -17.16 -0.32 -10.55
C GLU A 56 -16.80 -1.75 -10.98
N ILE A 57 -16.24 -2.56 -10.06
CA ILE A 57 -15.85 -3.96 -10.31
C ILE A 57 -17.06 -4.80 -10.76
N ARG A 58 -18.23 -4.59 -10.15
CA ARG A 58 -19.52 -5.24 -10.48
C ARG A 58 -20.00 -4.94 -11.89
N ASN A 59 -19.56 -3.81 -12.45
CA ASN A 59 -19.80 -3.35 -13.82
C ASN A 59 -18.55 -3.56 -14.71
N ASN A 60 -17.63 -4.45 -14.29
CA ASN A 60 -16.37 -4.81 -14.95
C ASN A 60 -15.49 -3.59 -15.31
N ALA A 61 -15.36 -2.65 -14.37
CA ALA A 61 -14.58 -1.42 -14.51
C ALA A 61 -13.62 -1.18 -13.31
N SER A 62 -12.59 -0.35 -13.54
CA SER A 62 -11.54 0.05 -12.57
C SER A 62 -10.80 1.31 -13.04
ZN ZN B . -0.37 -12.36 -3.85
N MET A 1 10.60 13.53 1.93
CA MET A 1 9.48 13.20 2.84
C MET A 1 9.57 11.74 3.29
N ASP A 2 9.43 11.49 4.60
CA ASP A 2 9.49 10.13 5.18
C ASP A 2 8.30 9.23 4.75
N VAL A 3 8.50 7.92 4.80
CA VAL A 3 7.51 6.88 4.44
C VAL A 3 7.78 5.57 5.20
N GLU A 4 6.74 4.76 5.42
CA GLU A 4 6.82 3.48 6.11
C GLU A 4 7.80 2.48 5.46
N PHE A 5 8.44 1.63 6.26
CA PHE A 5 9.42 0.62 5.80
C PHE A 5 9.41 -0.66 6.66
N LYS A 6 10.20 -1.66 6.26
CA LYS A 6 10.40 -2.95 6.94
C LYS A 6 10.96 -2.71 8.35
N CYS A 7 10.34 -3.39 9.31
CA CYS A 7 10.65 -3.28 10.74
C CYS A 7 12.09 -3.68 11.11
N THR A 8 12.57 -3.07 12.19
CA THR A 8 13.89 -3.28 12.80
C THR A 8 13.80 -3.22 14.36
N CYS A 9 12.56 -3.20 14.86
CA CYS A 9 12.16 -3.06 16.26
C CYS A 9 11.93 -4.42 16.95
N SER A 10 11.16 -4.40 18.03
CA SER A 10 10.77 -5.56 18.85
C SER A 10 9.39 -5.36 19.47
N ARG A 11 8.86 -6.41 20.11
CA ARG A 11 7.60 -6.34 20.87
C ARG A 11 7.66 -5.28 21.95
N GLU A 12 8.82 -5.08 22.58
CA GLU A 12 9.04 -4.08 23.64
C GLU A 12 8.78 -2.64 23.17
N ARG A 13 9.26 -2.27 21.97
CA ARG A 13 9.04 -0.92 21.41
C ARG A 13 7.55 -0.63 21.20
N CYS A 14 6.81 -1.58 20.63
CA CYS A 14 5.37 -1.45 20.42
C CYS A 14 4.56 -1.55 21.72
N ALA A 15 5.02 -2.36 22.68
CA ALA A 15 4.39 -2.49 24.00
C ALA A 15 4.43 -1.14 24.75
N ASP A 16 5.53 -0.40 24.66
CA ASP A 16 5.66 0.94 25.25
C ASP A 16 4.66 1.94 24.60
N ALA A 17 4.39 1.79 23.30
CA ALA A 17 3.38 2.59 22.59
C ALA A 17 1.94 2.24 23.05
N LEU A 18 1.66 0.98 23.41
CA LEU A 18 0.38 0.52 23.93
C LEU A 18 0.17 0.98 25.39
N LYS A 19 1.22 0.93 26.24
CA LYS A 19 1.27 1.33 27.63
C LYS A 19 0.69 2.73 27.92
N THR A 20 0.87 3.69 27.02
CA THR A 20 0.38 5.07 27.17
C THR A 20 -1.12 5.26 26.90
N LEU A 21 -1.81 4.28 26.27
CA LEU A 21 -3.24 4.35 26.00
C LEU A 21 -4.09 4.23 27.29
N PRO A 22 -5.31 4.79 27.35
CA PRO A 22 -6.19 4.73 28.52
C PRO A 22 -6.41 3.29 29.01
N ASP A 23 -6.12 3.03 30.30
CA ASP A 23 -6.27 1.69 30.89
C ASP A 23 -7.70 1.14 30.84
N GLU A 24 -8.69 2.03 30.98
CA GLU A 24 -10.11 1.69 30.88
C GLU A 24 -10.48 1.21 29.46
N GLU A 25 -9.92 1.84 28.42
CA GLU A 25 -10.11 1.44 27.02
C GLU A 25 -9.41 0.11 26.74
N VAL A 26 -8.19 -0.08 27.26
CA VAL A 26 -7.43 -1.34 27.16
C VAL A 26 -8.25 -2.48 27.77
N ASP A 27 -8.79 -2.30 28.97
CA ASP A 27 -9.63 -3.30 29.62
C ASP A 27 -10.94 -3.57 28.84
N SER A 28 -11.54 -2.53 28.27
CA SER A 28 -12.78 -2.64 27.46
C SER A 28 -12.56 -3.50 26.21
N ILE A 29 -11.46 -3.29 25.47
CA ILE A 29 -11.13 -4.10 24.30
C ILE A 29 -10.86 -5.55 24.72
N LEU A 30 -10.09 -5.78 25.80
CA LEU A 30 -9.85 -7.13 26.31
C LEU A 30 -11.15 -7.86 26.70
N ALA A 31 -12.11 -7.15 27.28
CA ALA A 31 -13.43 -7.68 27.65
C ALA A 31 -14.33 -8.05 26.44
N GLU A 32 -13.93 -7.71 25.20
CA GLU A 32 -14.69 -7.98 23.97
C GLU A 32 -13.93 -8.83 22.93
N ASP A 33 -12.59 -8.89 22.98
CA ASP A 33 -11.76 -9.64 22.01
C ASP A 33 -10.55 -10.39 22.62
N GLY A 34 -10.18 -10.14 23.87
CA GLY A 34 -9.06 -10.80 24.57
C GLY A 34 -7.64 -10.38 24.12
N GLU A 35 -7.52 -9.48 23.14
CA GLU A 35 -6.24 -8.98 22.60
C GLU A 35 -6.38 -7.59 21.96
N ILE A 36 -5.26 -6.89 21.79
CA ILE A 36 -5.16 -5.54 21.20
C ILE A 36 -4.00 -5.51 20.20
N ASP A 37 -4.23 -4.89 19.05
CA ASP A 37 -3.21 -4.66 18.02
C ASP A 37 -2.77 -3.18 18.07
N MET A 38 -1.47 -2.92 18.07
CA MET A 38 -0.87 -1.59 18.17
C MET A 38 0.13 -1.35 17.03
N HIS A 39 0.31 -0.07 16.66
CA HIS A 39 1.16 0.37 15.56
C HIS A 39 2.58 0.74 16.00
N CYS A 40 3.56 0.26 15.23
CA CYS A 40 4.99 0.50 15.38
C CYS A 40 5.33 1.89 14.78
N ASP A 41 5.01 2.96 15.51
CA ASP A 41 5.27 4.34 15.09
C ASP A 41 6.75 4.63 14.78
N TYR A 42 7.65 3.75 15.22
CA TYR A 42 9.08 3.79 14.94
C TYR A 42 9.43 3.66 13.44
N CYS A 43 8.68 2.85 12.69
CA CYS A 43 8.93 2.61 11.25
C CYS A 43 7.71 2.29 10.36
N GLY A 44 6.56 1.88 10.90
CA GLY A 44 5.33 1.64 10.11
C GLY A 44 4.64 0.28 10.33
N ASN A 45 5.31 -0.68 10.99
CA ASN A 45 4.80 -2.02 11.28
C ASN A 45 3.65 -2.03 12.35
N HIS A 46 3.28 -3.21 12.85
CA HIS A 46 2.29 -3.41 13.92
C HIS A 46 2.60 -4.70 14.71
N TYR A 47 2.05 -4.84 15.92
CA TYR A 47 2.24 -5.98 16.82
C TYR A 47 0.96 -6.17 17.63
N LEU A 48 0.66 -7.43 18.00
CA LEU A 48 -0.52 -7.79 18.78
C LEU A 48 -0.16 -8.29 20.19
N PHE A 49 -0.99 -7.97 21.18
CA PHE A 49 -0.78 -8.26 22.61
C PHE A 49 -2.04 -8.82 23.27
N ASN A 50 -1.91 -9.97 23.93
CA ASN A 50 -3.01 -10.63 24.65
C ASN A 50 -3.10 -10.11 26.10
N ALA A 51 -4.16 -10.49 26.82
CA ALA A 51 -4.37 -10.10 28.22
C ALA A 51 -3.19 -10.49 29.13
N MET A 52 -2.56 -11.64 28.89
CA MET A 52 -1.40 -12.13 29.64
C MET A 52 -0.15 -11.24 29.46
N ASP A 53 0.07 -10.71 28.25
CA ASP A 53 1.17 -9.79 27.95
C ASP A 53 0.90 -8.41 28.58
N ILE A 54 -0.34 -7.94 28.44
CA ILE A 54 -0.83 -6.68 29.03
C ILE A 54 -0.72 -6.69 30.55
N ALA A 55 -0.90 -7.84 31.19
CA ALA A 55 -0.68 -7.98 32.64
C ALA A 55 0.76 -7.60 33.04
N GLU A 56 1.77 -7.92 32.22
CA GLU A 56 3.16 -7.52 32.51
C GLU A 56 3.36 -6.02 32.29
N ILE A 57 2.74 -5.45 31.25
CA ILE A 57 2.77 -4.00 30.97
C ILE A 57 2.16 -3.23 32.16
N ARG A 58 1.09 -3.76 32.78
CA ARG A 58 0.40 -3.19 33.96
C ARG A 58 1.11 -3.45 35.30
N ASN A 59 1.79 -4.59 35.46
CA ASN A 59 2.36 -5.06 36.73
C ASN A 59 3.90 -4.94 36.86
N ASN A 60 4.58 -4.57 35.77
CA ASN A 60 6.04 -4.39 35.70
C ASN A 60 6.48 -3.17 34.86
N ALA A 61 5.63 -2.74 33.91
CA ALA A 61 5.82 -1.55 33.05
C ALA A 61 7.18 -1.43 32.31
N SER A 62 7.79 -2.58 31.96
CA SER A 62 9.07 -2.72 31.26
C SER A 62 9.26 -1.79 30.05
ZN ZN B . 9.37 -1.22 13.92
N MET A 1 12.01 0.27 1.19
CA MET A 1 12.31 -1.01 0.49
C MET A 1 11.29 -2.07 0.88
N ASP A 2 10.84 -2.88 -0.09
CA ASP A 2 9.87 -3.97 0.13
C ASP A 2 10.42 -5.10 1.03
N VAL A 3 9.54 -5.84 1.71
CA VAL A 3 9.87 -6.95 2.61
C VAL A 3 10.34 -8.18 1.82
N GLU A 4 11.59 -8.61 2.03
CA GLU A 4 12.22 -9.77 1.37
C GLU A 4 11.83 -11.14 1.99
N PHE A 5 10.66 -11.19 2.62
CA PHE A 5 10.05 -12.34 3.29
C PHE A 5 8.52 -12.29 3.18
N LYS A 6 8.01 -12.77 2.04
CA LYS A 6 6.57 -12.87 1.72
C LYS A 6 6.36 -14.10 0.85
N CYS A 7 5.54 -15.02 1.33
CA CYS A 7 5.19 -16.26 0.64
C CYS A 7 4.20 -16.03 -0.52
N THR A 8 3.86 -17.12 -1.20
CA THR A 8 2.91 -17.19 -2.34
C THR A 8 1.44 -16.98 -1.93
N CYS A 9 1.17 -16.50 -0.71
CA CYS A 9 -0.18 -16.29 -0.16
C CYS A 9 -1.07 -15.30 -0.92
N SER A 10 -2.32 -15.28 -0.48
CA SER A 10 -3.46 -14.46 -0.87
C SER A 10 -4.49 -14.55 0.28
N ARG A 11 -5.60 -13.80 0.22
CA ARG A 11 -6.64 -13.82 1.27
C ARG A 11 -7.17 -15.24 1.51
N GLU A 12 -7.26 -16.04 0.44
CA GLU A 12 -7.69 -17.45 0.47
C GLU A 12 -6.80 -18.35 1.38
N ARG A 13 -5.47 -18.13 1.38
CA ARG A 13 -4.54 -18.88 2.25
C ARG A 13 -4.75 -18.53 3.73
N CYS A 14 -4.89 -17.24 4.02
CA CYS A 14 -5.24 -16.76 5.37
C CYS A 14 -6.63 -17.26 5.80
N ALA A 15 -7.59 -17.32 4.88
CA ALA A 15 -8.94 -17.81 5.12
C ALA A 15 -8.93 -19.28 5.56
N ASP A 16 -8.09 -20.11 4.93
CA ASP A 16 -7.92 -21.53 5.28
C ASP A 16 -7.45 -21.72 6.74
N ALA A 17 -6.61 -20.81 7.25
CA ALA A 17 -6.17 -20.81 8.64
C ALA A 17 -7.31 -20.45 9.63
N LEU A 18 -8.24 -19.58 9.23
CA LEU A 18 -9.42 -19.18 10.01
C LEU A 18 -10.49 -20.31 9.98
N LYS A 19 -10.76 -20.89 8.81
CA LYS A 19 -11.70 -21.95 8.51
C LYS A 19 -11.61 -23.15 9.48
N THR A 20 -10.40 -23.55 9.89
CA THR A 20 -10.16 -24.71 10.78
C THR A 20 -10.33 -24.40 12.28
N LEU A 21 -10.48 -23.14 12.69
CA LEU A 21 -10.70 -22.75 14.09
C LEU A 21 -12.07 -23.26 14.60
N PRO A 22 -12.26 -23.46 15.92
CA PRO A 22 -13.54 -23.89 16.50
C PRO A 22 -14.69 -22.98 16.06
N ASP A 23 -15.67 -23.55 15.37
CA ASP A 23 -16.82 -22.80 14.81
C ASP A 23 -17.61 -22.04 15.88
N GLU A 24 -17.74 -22.61 17.08
CA GLU A 24 -18.40 -21.98 18.23
C GLU A 24 -17.66 -20.71 18.68
N GLU A 25 -16.32 -20.72 18.68
CA GLU A 25 -15.50 -19.55 19.01
C GLU A 25 -15.62 -18.47 17.91
N VAL A 26 -15.53 -18.86 16.63
CA VAL A 26 -15.68 -17.96 15.49
C VAL A 26 -17.05 -17.27 15.53
N ASP A 27 -18.13 -18.05 15.72
CA ASP A 27 -19.49 -17.53 15.84
C ASP A 27 -19.65 -16.58 17.05
N SER A 28 -19.00 -16.89 18.19
CA SER A 28 -19.03 -16.04 19.39
C SER A 28 -18.42 -14.65 19.12
N ILE A 29 -17.28 -14.57 18.42
CA ILE A 29 -16.66 -13.29 18.05
C ILE A 29 -17.58 -12.50 17.10
N LEU A 30 -18.12 -13.16 16.06
CA LEU A 30 -19.04 -12.55 15.11
C LEU A 30 -20.32 -12.01 15.80
N ALA A 31 -20.84 -12.72 16.79
CA ALA A 31 -22.01 -12.30 17.58
C ALA A 31 -21.77 -11.07 18.48
N GLU A 32 -20.51 -10.60 18.62
CA GLU A 32 -20.14 -9.44 19.46
C GLU A 32 -19.42 -8.31 18.69
N ASP A 33 -18.90 -8.56 17.47
CA ASP A 33 -18.20 -7.54 16.65
C ASP A 33 -18.47 -7.60 15.14
N GLY A 34 -19.08 -8.68 14.62
CA GLY A 34 -19.41 -8.85 13.20
C GLY A 34 -18.23 -9.15 12.26
N GLU A 35 -16.99 -9.06 12.72
CA GLU A 35 -15.78 -9.30 11.93
C GLU A 35 -14.58 -9.79 12.78
N ILE A 36 -13.58 -10.34 12.10
CA ILE A 36 -12.35 -10.94 12.65
C ILE A 36 -11.14 -10.47 11.84
N ASP A 37 -10.07 -10.10 12.55
CA ASP A 37 -8.76 -9.74 12.02
C ASP A 37 -7.87 -10.99 12.12
N MET A 38 -7.28 -11.42 11.00
CA MET A 38 -6.48 -12.65 10.90
C MET A 38 -5.15 -12.40 10.19
N HIS A 39 -4.14 -13.23 10.50
CA HIS A 39 -2.80 -13.15 9.92
C HIS A 39 -2.43 -14.46 9.20
N CYS A 40 -1.77 -14.32 8.05
CA CYS A 40 -1.27 -15.40 7.20
C CYS A 40 -0.37 -16.35 8.02
N ASP A 41 -0.76 -17.63 8.11
CA ASP A 41 0.00 -18.66 8.84
C ASP A 41 1.36 -18.99 8.18
N TYR A 42 1.61 -18.46 6.97
CA TYR A 42 2.80 -18.69 6.17
C TYR A 42 3.85 -17.56 6.25
N CYS A 43 3.44 -16.28 6.21
CA CYS A 43 4.35 -15.11 6.31
C CYS A 43 3.93 -13.99 7.29
N GLY A 44 2.72 -14.03 7.85
CA GLY A 44 2.23 -13.06 8.86
C GLY A 44 1.43 -11.86 8.34
N ASN A 45 1.22 -11.71 7.02
CA ASN A 45 0.44 -10.60 6.44
C ASN A 45 -1.02 -10.59 6.98
N HIS A 46 -1.56 -9.40 7.29
CA HIS A 46 -2.93 -9.24 7.84
C HIS A 46 -4.02 -9.26 6.75
N TYR A 47 -5.24 -9.71 7.11
CA TYR A 47 -6.41 -9.81 6.26
C TYR A 47 -7.68 -9.72 7.14
N LEU A 48 -8.79 -9.25 6.56
CA LEU A 48 -10.06 -9.07 7.27
C LEU A 48 -11.17 -10.00 6.74
N PHE A 49 -12.00 -10.50 7.66
CA PHE A 49 -13.12 -11.42 7.41
C PHE A 49 -14.35 -10.98 8.21
N ASN A 50 -15.54 -11.04 7.61
CA ASN A 50 -16.81 -10.67 8.26
C ASN A 50 -17.80 -11.83 8.28
N ALA A 51 -18.91 -11.64 8.98
CA ALA A 51 -19.95 -12.66 9.14
C ALA A 51 -20.49 -13.19 7.80
N MET A 52 -20.72 -12.31 6.81
CA MET A 52 -21.20 -12.71 5.47
C MET A 52 -20.12 -13.46 4.67
N ASP A 53 -18.85 -13.05 4.76
CA ASP A 53 -17.74 -13.71 4.05
C ASP A 53 -17.48 -15.11 4.62
N ILE A 54 -17.48 -15.25 5.95
CA ILE A 54 -17.32 -16.52 6.65
C ILE A 54 -18.51 -17.44 6.36
N ALA A 55 -19.73 -16.90 6.21
CA ALA A 55 -20.91 -17.68 5.84
C ALA A 55 -20.78 -18.28 4.44
N GLU A 56 -20.15 -17.56 3.50
CA GLU A 56 -19.87 -18.07 2.15
C GLU A 56 -18.74 -19.10 2.18
N ILE A 57 -17.68 -18.90 2.98
CA ILE A 57 -16.59 -19.87 3.16
C ILE A 57 -17.14 -21.21 3.68
N ARG A 58 -18.08 -21.15 4.64
CA ARG A 58 -18.78 -22.32 5.22
C ARG A 58 -19.72 -23.07 4.26
N ASN A 59 -19.98 -22.52 3.07
CA ASN A 59 -20.86 -23.10 2.04
C ASN A 59 -20.19 -23.24 0.66
N ASN A 60 -18.88 -22.94 0.55
CA ASN A 60 -18.12 -23.00 -0.71
C ASN A 60 -16.65 -23.43 -0.57
N ALA A 61 -16.04 -23.36 0.63
CA ALA A 61 -14.62 -23.69 0.85
C ALA A 61 -14.35 -24.60 2.08
N SER A 62 -15.33 -24.83 2.96
CA SER A 62 -15.23 -25.72 4.14
C SER A 62 -15.56 -27.17 3.80
ZN ZN B . 1.74 -15.14 3.35
N MET A 1 13.76 9.64 -6.66
CA MET A 1 12.44 9.43 -6.02
C MET A 1 12.23 7.95 -5.70
N ASP A 2 11.66 7.65 -4.52
CA ASP A 2 11.44 6.27 -4.01
C ASP A 2 10.07 6.07 -3.33
N VAL A 3 9.10 6.94 -3.61
CA VAL A 3 7.72 6.89 -3.05
C VAL A 3 6.96 5.62 -3.47
N GLU A 4 6.06 5.15 -2.60
CA GLU A 4 5.26 3.92 -2.80
C GLU A 4 3.87 4.06 -2.14
N PHE A 5 3.20 5.20 -2.37
CA PHE A 5 1.91 5.62 -1.80
C PHE A 5 0.66 4.75 -2.10
N LYS A 6 0.87 3.55 -2.64
CA LYS A 6 -0.17 2.53 -2.92
C LYS A 6 -0.61 1.69 -1.70
N CYS A 7 0.00 2.05 -0.58
CA CYS A 7 -0.10 1.51 0.77
C CYS A 7 -0.30 -0.01 0.86
N THR A 8 0.83 -0.71 0.71
CA THR A 8 0.95 -2.19 0.70
C THR A 8 0.47 -2.85 2.00
N CYS A 9 0.53 -2.13 3.14
CA CYS A 9 0.12 -2.59 4.47
C CYS A 9 -1.40 -2.35 4.74
N SER A 10 -1.76 -2.04 5.99
CA SER A 10 -3.15 -1.84 6.44
C SER A 10 -3.31 -0.70 7.45
N ARG A 11 -4.55 -0.26 7.65
CA ARG A 11 -4.95 0.83 8.57
C ARG A 11 -4.47 0.64 10.00
N GLU A 12 -4.43 -0.61 10.43
CA GLU A 12 -4.03 -1.03 11.78
C GLU A 12 -2.62 -0.55 12.15
N ARG A 13 -1.67 -0.52 11.20
CA ARG A 13 -0.31 0.01 11.44
C ARG A 13 -0.34 1.53 11.68
N CYS A 14 -1.14 2.26 10.90
CA CYS A 14 -1.32 3.71 11.12
C CYS A 14 -2.04 3.97 12.47
N ALA A 15 -3.06 3.17 12.79
CA ALA A 15 -3.82 3.24 14.03
C ALA A 15 -2.94 2.99 15.27
N ASP A 16 -2.04 2.00 15.22
CA ASP A 16 -1.09 1.69 16.30
C ASP A 16 -0.15 2.87 16.59
N ALA A 17 0.28 3.59 15.55
CA ALA A 17 1.11 4.79 15.67
C ALA A 17 0.34 5.98 16.29
N LEU A 18 -0.97 6.10 16.01
CA LEU A 18 -1.84 7.15 16.55
C LEU A 18 -2.22 6.88 18.01
N LYS A 19 -2.64 5.66 18.37
CA LYS A 19 -3.10 5.30 19.72
C LYS A 19 -2.05 5.38 20.82
N THR A 20 -0.76 5.33 20.50
CA THR A 20 0.34 5.47 21.48
C THR A 20 0.68 6.93 21.83
N LEU A 21 0.14 7.92 21.12
CA LEU A 21 0.31 9.35 21.39
C LEU A 21 -0.37 9.77 22.72
N PRO A 22 0.03 10.90 23.34
CA PRO A 22 -0.55 11.40 24.59
C PRO A 22 -2.08 11.39 24.60
N ASP A 23 -2.67 10.78 25.64
CA ASP A 23 -4.12 10.64 25.81
C ASP A 23 -4.86 11.99 25.78
N GLU A 24 -4.26 13.02 26.38
CA GLU A 24 -4.79 14.38 26.41
C GLU A 24 -4.90 15.00 25.01
N GLU A 25 -3.91 14.80 24.14
CA GLU A 25 -3.91 15.31 22.76
C GLU A 25 -5.02 14.63 21.93
N VAL A 26 -5.13 13.30 22.03
CA VAL A 26 -6.18 12.52 21.35
C VAL A 26 -7.56 12.97 21.82
N ASP A 27 -7.77 13.09 23.14
CA ASP A 27 -9.03 13.55 23.73
C ASP A 27 -9.43 14.97 23.27
N SER A 28 -8.49 15.92 23.22
CA SER A 28 -8.76 17.29 22.77
C SER A 28 -9.28 17.35 21.32
N ILE A 29 -8.69 16.59 20.39
CA ILE A 29 -9.17 16.57 18.99
C ILE A 29 -10.56 15.91 18.90
N LEU A 30 -10.76 14.77 19.57
CA LEU A 30 -12.06 14.09 19.59
C LEU A 30 -13.17 14.97 20.21
N ALA A 31 -12.85 15.77 21.23
CA ALA A 31 -13.78 16.69 21.88
C ALA A 31 -14.13 17.94 21.01
N GLU A 32 -13.37 18.22 19.95
CA GLU A 32 -13.56 19.39 19.06
C GLU A 32 -14.04 19.03 17.64
N ASP A 33 -13.74 17.83 17.12
CA ASP A 33 -14.10 17.39 15.77
C ASP A 33 -14.64 15.94 15.67
N GLY A 34 -14.45 15.12 16.71
CA GLY A 34 -14.93 13.73 16.76
C GLY A 34 -14.11 12.70 15.95
N GLU A 35 -13.16 13.16 15.12
CA GLU A 35 -12.31 12.30 14.28
C GLU A 35 -10.88 12.87 14.16
N ILE A 36 -9.94 11.99 13.77
CA ILE A 36 -8.52 12.27 13.58
C ILE A 36 -8.06 11.66 12.25
N ASP A 37 -7.28 12.39 11.46
CA ASP A 37 -6.72 11.97 10.17
C ASP A 37 -5.19 12.09 10.18
N MET A 38 -4.50 10.99 9.90
CA MET A 38 -3.03 10.87 9.90
C MET A 38 -2.50 10.07 8.71
N HIS A 39 -1.24 10.31 8.34
CA HIS A 39 -0.57 9.61 7.25
C HIS A 39 0.24 8.40 7.76
N CYS A 40 0.21 7.33 6.98
CA CYS A 40 0.90 6.06 7.20
C CYS A 40 2.41 6.28 7.36
N ASP A 41 2.98 5.89 8.50
CA ASP A 41 4.42 6.04 8.79
C ASP A 41 5.31 5.16 7.86
N TYR A 42 4.70 4.21 7.15
CA TYR A 42 5.36 3.27 6.25
C TYR A 42 5.22 3.62 4.76
N CYS A 43 4.06 4.14 4.34
CA CYS A 43 3.71 4.41 2.93
C CYS A 43 3.29 5.86 2.60
N GLY A 44 3.02 6.72 3.58
CA GLY A 44 2.60 8.12 3.40
C GLY A 44 1.12 8.34 3.05
N ASN A 45 0.35 7.27 2.78
CA ASN A 45 -1.09 7.32 2.47
C ASN A 45 -1.92 7.77 3.68
N HIS A 46 -3.06 8.43 3.47
CA HIS A 46 -3.94 8.92 4.55
C HIS A 46 -4.90 7.85 5.11
N TYR A 47 -5.26 7.98 6.39
CA TYR A 47 -6.19 7.11 7.12
C TYR A 47 -6.88 7.95 8.19
N LEU A 48 -8.21 7.82 8.29
CA LEU A 48 -9.03 8.53 9.27
C LEU A 48 -9.68 7.57 10.28
N PHE A 49 -9.77 8.01 11.54
CA PHE A 49 -10.31 7.26 12.67
C PHE A 49 -11.21 8.15 13.53
N ASN A 50 -12.19 7.56 14.21
CA ASN A 50 -13.13 8.30 15.08
C ASN A 50 -13.11 7.80 16.53
N ALA A 51 -13.93 8.44 17.36
CA ALA A 51 -14.03 8.13 18.79
C ALA A 51 -14.36 6.64 19.05
N MET A 52 -15.25 6.04 18.25
CA MET A 52 -15.62 4.62 18.36
C MET A 52 -14.47 3.69 17.92
N ASP A 53 -13.72 4.04 16.86
CA ASP A 53 -12.57 3.25 16.41
C ASP A 53 -11.50 3.20 17.50
N ILE A 54 -11.17 4.36 18.07
CA ILE A 54 -10.19 4.51 19.14
C ILE A 54 -10.67 3.81 20.43
N ALA A 55 -11.97 3.88 20.75
CA ALA A 55 -12.53 3.18 21.90
C ALA A 55 -12.38 1.64 21.79
N GLU A 56 -12.51 1.07 20.59
CA GLU A 56 -12.29 -0.37 20.37
C GLU A 56 -10.79 -0.70 20.48
N ILE A 57 -9.90 0.12 19.90
CA ILE A 57 -8.43 -0.06 19.97
C ILE A 57 -7.97 -0.06 21.44
N ARG A 58 -8.51 0.84 22.26
CA ARG A 58 -8.27 1.01 23.70
C ARG A 58 -8.68 -0.21 24.55
N ASN A 59 -9.52 -1.08 24.02
CA ASN A 59 -10.07 -2.26 24.71
C ASN A 59 -9.86 -3.61 23.97
N ASN A 60 -9.14 -3.61 22.85
CA ASN A 60 -8.86 -4.80 22.03
C ASN A 60 -7.42 -4.89 21.47
N ALA A 61 -6.68 -3.77 21.44
CA ALA A 61 -5.30 -3.69 20.96
C ALA A 61 -4.37 -2.94 21.94
N SER A 62 -4.81 -2.76 23.20
CA SER A 62 -4.11 -2.05 24.29
C SER A 62 -4.24 -2.77 25.64
ZN ZN B . 1.08 1.83 4.57
N MET A 1 27.25 -13.13 6.59
CA MET A 1 26.67 -12.48 5.39
C MET A 1 25.14 -12.44 5.49
N ASP A 2 24.51 -11.44 4.88
CA ASP A 2 23.05 -11.23 4.87
C ASP A 2 22.57 -10.51 3.58
N VAL A 3 21.26 -10.45 3.38
CA VAL A 3 20.60 -9.80 2.23
C VAL A 3 19.22 -9.25 2.64
N GLU A 4 18.79 -8.14 2.04
CA GLU A 4 17.51 -7.45 2.30
C GLU A 4 16.25 -8.15 1.73
N PHE A 5 16.36 -9.45 1.45
CA PHE A 5 15.28 -10.31 0.93
C PHE A 5 14.26 -10.67 2.03
N LYS A 6 13.17 -11.35 1.65
CA LYS A 6 12.08 -11.80 2.55
C LYS A 6 11.83 -13.29 2.36
N CYS A 7 11.70 -14.03 3.47
CA CYS A 7 11.51 -15.47 3.49
C CYS A 7 10.27 -15.94 2.69
N THR A 8 10.38 -17.09 2.03
CA THR A 8 9.34 -17.70 1.18
C THR A 8 8.92 -19.11 1.63
N CYS A 9 9.58 -19.69 2.63
CA CYS A 9 9.30 -21.01 3.18
C CYS A 9 8.71 -20.92 4.61
N SER A 10 9.47 -21.30 5.64
CA SER A 10 9.05 -21.28 7.05
C SER A 10 10.25 -21.41 8.00
N ARG A 11 10.02 -21.04 9.28
CA ARG A 11 10.97 -21.21 10.40
C ARG A 11 11.41 -22.68 10.53
N GLU A 12 10.51 -23.58 10.16
CA GLU A 12 10.72 -25.03 10.14
C GLU A 12 11.92 -25.45 9.28
N ARG A 13 12.17 -24.77 8.14
CA ARG A 13 13.36 -25.04 7.31
C ARG A 13 14.65 -24.60 8.01
N CYS A 14 14.62 -23.47 8.70
CA CYS A 14 15.74 -22.99 9.52
C CYS A 14 16.01 -23.95 10.70
N ALA A 15 14.93 -24.46 11.33
CA ALA A 15 15.00 -25.46 12.40
C ALA A 15 15.63 -26.78 11.90
N ASP A 16 15.24 -27.22 10.69
CA ASP A 16 15.79 -28.41 10.03
C ASP A 16 17.30 -28.26 9.79
N ALA A 17 17.74 -27.06 9.34
CA ALA A 17 19.14 -26.71 9.14
C ALA A 17 19.94 -26.63 10.45
N LEU A 18 19.33 -26.19 11.57
CA LEU A 18 19.96 -26.07 12.87
C LEU A 18 20.26 -27.46 13.48
N LYS A 19 19.37 -28.45 13.30
CA LYS A 19 19.50 -29.80 13.86
C LYS A 19 20.81 -30.51 13.50
N THR A 20 21.36 -30.26 12.31
CA THR A 20 22.57 -30.93 11.81
C THR A 20 23.88 -30.49 12.49
N LEU A 21 23.88 -29.38 13.24
CA LEU A 21 25.07 -28.92 13.96
C LEU A 21 25.46 -29.92 15.09
N PRO A 22 26.76 -30.09 15.41
CA PRO A 22 27.21 -31.00 16.47
C PRO A 22 26.57 -30.70 17.84
N ASP A 23 26.19 -31.74 18.57
CA ASP A 23 25.59 -31.61 19.91
C ASP A 23 26.48 -30.84 20.89
N GLU A 24 27.81 -31.03 20.84
CA GLU A 24 28.76 -30.32 21.69
C GLU A 24 28.81 -28.82 21.37
N GLU A 25 28.71 -28.44 20.09
CA GLU A 25 28.68 -27.03 19.65
C GLU A 25 27.36 -26.36 20.08
N VAL A 26 26.23 -27.03 19.85
CA VAL A 26 24.90 -26.56 20.25
C VAL A 26 24.80 -26.38 21.77
N ASP A 27 25.24 -27.37 22.54
CA ASP A 27 25.26 -27.31 24.01
C ASP A 27 26.18 -26.20 24.54
N SER A 28 27.34 -25.97 23.90
CA SER A 28 28.27 -24.91 24.30
C SER A 28 27.64 -23.52 24.20
N ILE A 29 26.91 -23.22 23.11
CA ILE A 29 26.21 -21.94 22.93
C ILE A 29 25.09 -21.80 23.95
N LEU A 30 24.27 -22.84 24.14
CA LEU A 30 23.18 -22.84 25.14
C LEU A 30 23.69 -22.64 26.57
N ALA A 31 24.84 -23.21 26.92
CA ALA A 31 25.49 -23.06 28.23
C ALA A 31 25.99 -21.63 28.54
N GLU A 32 26.01 -20.72 27.54
CA GLU A 32 26.47 -19.33 27.69
C GLU A 32 25.42 -18.27 27.34
N ASP A 33 24.36 -18.60 26.60
CA ASP A 33 23.31 -17.64 26.19
C ASP A 33 21.85 -18.17 26.25
N GLY A 34 21.65 -19.49 26.40
CA GLY A 34 20.30 -20.11 26.49
C GLY A 34 19.51 -20.16 25.17
N GLU A 35 20.06 -19.65 24.07
CA GLU A 35 19.44 -19.63 22.74
C GLU A 35 20.49 -19.51 21.62
N ILE A 36 20.10 -19.83 20.38
CA ILE A 36 20.93 -19.80 19.18
C ILE A 36 20.17 -19.12 18.04
N ASP A 37 20.87 -18.24 17.31
CA ASP A 37 20.36 -17.59 16.10
C ASP A 37 20.91 -18.34 14.88
N MET A 38 20.05 -18.69 13.93
CA MET A 38 20.39 -19.47 12.74
C MET A 38 19.85 -18.82 11.46
N HIS A 39 20.53 -19.06 10.33
CA HIS A 39 20.18 -18.52 9.02
C HIS A 39 19.31 -19.47 8.19
N CYS A 40 18.36 -18.90 7.46
CA CYS A 40 17.50 -19.56 6.51
C CYS A 40 18.31 -19.80 5.22
N ASP A 41 18.92 -20.98 5.09
CA ASP A 41 19.75 -21.34 3.93
C ASP A 41 19.01 -21.24 2.57
N TYR A 42 17.67 -21.26 2.63
CA TYR A 42 16.76 -21.18 1.48
C TYR A 42 16.48 -19.75 0.98
N CYS A 43 16.40 -18.77 1.89
CA CYS A 43 16.01 -17.38 1.57
C CYS A 43 17.00 -16.26 2.02
N GLY A 44 17.93 -16.55 2.93
CA GLY A 44 18.90 -15.57 3.47
C GLY A 44 18.44 -14.85 4.75
N ASN A 45 17.22 -15.13 5.21
CA ASN A 45 16.62 -14.61 6.46
C ASN A 45 17.29 -15.26 7.70
N HIS A 46 16.83 -14.94 8.92
CA HIS A 46 17.31 -15.55 10.17
C HIS A 46 16.16 -15.78 11.17
N TYR A 47 16.37 -16.66 12.15
CA TYR A 47 15.41 -17.04 13.19
C TYR A 47 16.18 -17.44 14.45
N LEU A 48 15.52 -17.30 15.61
CA LEU A 48 16.09 -17.63 16.92
C LEU A 48 15.40 -18.85 17.56
N PHE A 49 16.18 -19.70 18.25
CA PHE A 49 15.75 -20.95 18.87
C PHE A 49 16.31 -21.08 20.29
N ASN A 50 15.43 -21.22 21.28
CA ASN A 50 15.80 -21.38 22.69
C ASN A 50 16.17 -22.84 23.02
N ALA A 51 16.75 -23.05 24.20
CA ALA A 51 17.14 -24.37 24.69
C ALA A 51 15.96 -25.37 24.70
N MET A 52 14.76 -24.90 25.08
CA MET A 52 13.54 -25.72 25.09
C MET A 52 13.08 -26.15 23.69
N ASP A 53 13.20 -25.28 22.69
CA ASP A 53 12.82 -25.60 21.30
C ASP A 53 13.81 -26.61 20.69
N ILE A 54 15.11 -26.37 20.93
CA ILE A 54 16.19 -27.28 20.51
C ILE A 54 16.05 -28.65 21.19
N ALA A 55 15.61 -28.68 22.45
CA ALA A 55 15.35 -29.92 23.18
C ALA A 55 14.18 -30.70 22.55
N GLU A 56 13.11 -30.02 22.12
CA GLU A 56 11.99 -30.68 21.42
C GLU A 56 12.45 -31.23 20.07
N ILE A 57 13.25 -30.47 19.31
CA ILE A 57 13.84 -30.89 18.03
C ILE A 57 14.70 -32.15 18.23
N ARG A 58 15.51 -32.22 19.30
CA ARG A 58 16.33 -33.40 19.64
C ARG A 58 15.50 -34.59 20.16
N ASN A 59 14.38 -34.35 20.83
CA ASN A 59 13.48 -35.44 21.28
C ASN A 59 12.72 -36.07 20.11
N ASN A 60 12.46 -35.28 19.08
CA ASN A 60 11.81 -35.69 17.83
C ASN A 60 12.79 -36.43 16.90
N ALA A 61 14.01 -35.89 16.73
CA ALA A 61 15.11 -36.43 15.93
C ALA A 61 14.80 -36.83 14.46
N SER A 62 13.72 -36.30 13.86
CA SER A 62 13.28 -36.55 12.47
C SER A 62 12.69 -35.28 11.82
ZN ZN B . 13.11 -19.19 3.96
N MET A 1 20.39 -15.63 -16.51
CA MET A 1 19.37 -15.31 -15.48
C MET A 1 18.00 -15.12 -16.11
N ASP A 2 16.93 -15.53 -15.40
CA ASP A 2 15.53 -15.39 -15.81
C ASP A 2 14.65 -15.00 -14.60
N VAL A 3 13.62 -14.19 -14.82
CA VAL A 3 12.71 -13.67 -13.77
C VAL A 3 11.31 -13.35 -14.34
N GLU A 4 10.30 -13.32 -13.46
CA GLU A 4 8.90 -13.05 -13.77
C GLU A 4 8.32 -11.96 -12.84
N PHE A 5 7.28 -11.25 -13.29
CA PHE A 5 6.61 -10.18 -12.53
C PHE A 5 5.39 -10.69 -11.74
N LYS A 6 4.94 -9.92 -10.74
CA LYS A 6 3.82 -10.25 -9.84
C LYS A 6 3.19 -8.99 -9.24
N CYS A 7 1.88 -9.06 -8.92
CA CYS A 7 1.10 -8.01 -8.26
C CYS A 7 1.62 -7.71 -6.83
N THR A 8 1.12 -6.63 -6.22
CA THR A 8 1.42 -6.24 -4.83
C THR A 8 1.01 -7.34 -3.83
N CYS A 9 0.07 -8.22 -4.24
CA CYS A 9 -0.44 -9.37 -3.51
C CYS A 9 -0.08 -10.68 -4.24
N SER A 10 -1.04 -11.27 -4.97
CA SER A 10 -0.86 -12.52 -5.73
C SER A 10 -1.98 -12.82 -6.72
N ARG A 11 -1.73 -13.77 -7.64
CA ARG A 11 -2.72 -14.27 -8.61
C ARG A 11 -3.92 -14.88 -7.90
N GLU A 12 -3.68 -15.49 -6.75
CA GLU A 12 -4.70 -16.15 -5.92
C GLU A 12 -5.82 -15.18 -5.52
N ARG A 13 -5.51 -13.92 -5.17
CA ARG A 13 -6.54 -12.92 -4.84
C ARG A 13 -7.44 -12.59 -6.04
N CYS A 14 -6.85 -12.46 -7.23
CA CYS A 14 -7.58 -12.25 -8.49
C CYS A 14 -8.40 -13.51 -8.88
N ALA A 15 -7.82 -14.70 -8.72
CA ALA A 15 -8.45 -15.99 -9.00
C ALA A 15 -9.68 -16.23 -8.10
N ASP A 16 -9.60 -15.85 -6.82
CA ASP A 16 -10.70 -15.94 -5.85
C ASP A 16 -11.94 -15.16 -6.32
N ALA A 17 -11.74 -14.00 -6.96
CA ALA A 17 -12.80 -13.20 -7.57
C ALA A 17 -13.41 -13.84 -8.84
N LEU A 18 -12.59 -14.54 -9.65
CA LEU A 18 -13.02 -15.21 -10.87
C LEU A 18 -13.79 -16.52 -10.57
N LYS A 19 -13.28 -17.37 -9.66
CA LYS A 19 -13.87 -18.67 -9.34
C LYS A 19 -15.29 -18.63 -8.75
N THR A 20 -15.70 -17.51 -8.14
CA THR A 20 -17.04 -17.35 -7.55
C THR A 20 -18.13 -17.02 -8.59
N LEU A 21 -17.77 -16.68 -9.83
CA LEU A 21 -18.70 -16.42 -10.92
C LEU A 21 -19.43 -17.72 -11.35
N PRO A 22 -20.65 -17.64 -11.92
CA PRO A 22 -21.41 -18.82 -12.36
C PRO A 22 -20.60 -19.75 -13.29
N ASP A 23 -20.60 -21.06 -13.00
CA ASP A 23 -19.87 -22.06 -13.80
C ASP A 23 -20.31 -22.07 -15.27
N GLU A 24 -21.62 -21.91 -15.53
CA GLU A 24 -22.17 -21.86 -16.89
C GLU A 24 -21.68 -20.61 -17.66
N GLU A 25 -21.58 -19.45 -16.98
CA GLU A 25 -21.07 -18.21 -17.58
C GLU A 25 -19.59 -18.35 -17.95
N VAL A 26 -18.77 -18.89 -17.04
CA VAL A 26 -17.33 -19.15 -17.27
C VAL A 26 -17.17 -20.14 -18.44
N ASP A 27 -17.92 -21.24 -18.44
CA ASP A 27 -17.89 -22.25 -19.51
C ASP A 27 -18.23 -21.68 -20.89
N SER A 28 -19.21 -20.76 -20.98
CA SER A 28 -19.58 -20.12 -22.25
C SER A 28 -18.41 -19.34 -22.88
N ILE A 29 -17.63 -18.60 -22.09
CA ILE A 29 -16.45 -17.88 -22.61
C ILE A 29 -15.35 -18.87 -23.02
N LEU A 30 -15.08 -19.89 -22.21
CA LEU A 30 -14.07 -20.91 -22.53
C LEU A 30 -14.43 -21.70 -23.81
N ALA A 31 -15.73 -21.93 -24.07
CA ALA A 31 -16.24 -22.59 -25.27
C ALA A 31 -16.26 -21.69 -26.53
N GLU A 32 -15.95 -20.38 -26.40
CA GLU A 32 -16.00 -19.40 -27.49
C GLU A 32 -14.63 -18.73 -27.78
N ASP A 33 -13.78 -18.54 -26.77
CA ASP A 33 -12.45 -17.91 -26.91
C ASP A 33 -11.32 -18.62 -26.12
N GLY A 34 -11.66 -19.48 -25.15
CA GLY A 34 -10.68 -20.26 -24.36
C GLY A 34 -9.94 -19.50 -23.25
N GLU A 35 -10.21 -18.19 -23.09
CA GLU A 35 -9.55 -17.34 -22.08
C GLU A 35 -10.45 -16.19 -21.57
N ILE A 36 -10.12 -15.67 -20.39
CA ILE A 36 -10.83 -14.60 -19.68
C ILE A 36 -9.83 -13.57 -19.14
N ASP A 37 -10.12 -12.28 -19.34
CA ASP A 37 -9.38 -11.14 -18.79
C ASP A 37 -9.99 -10.78 -17.43
N MET A 38 -9.13 -10.52 -16.44
CA MET A 38 -9.50 -10.20 -15.05
C MET A 38 -8.65 -9.05 -14.50
N HIS A 39 -9.18 -8.38 -13.48
CA HIS A 39 -8.51 -7.31 -12.75
C HIS A 39 -8.55 -7.57 -11.24
N CYS A 40 -7.41 -7.38 -10.59
CA CYS A 40 -7.18 -7.53 -9.16
C CYS A 40 -8.16 -6.67 -8.35
N ASP A 41 -9.00 -7.32 -7.53
CA ASP A 41 -10.01 -6.65 -6.69
C ASP A 41 -9.39 -5.76 -5.57
N TYR A 42 -8.07 -5.82 -5.41
CA TYR A 42 -7.29 -5.11 -4.39
C TYR A 42 -6.37 -4.01 -4.95
N CYS A 43 -5.78 -4.23 -6.13
CA CYS A 43 -4.79 -3.34 -6.75
C CYS A 43 -5.15 -2.81 -8.16
N GLY A 44 -6.20 -3.35 -8.81
CA GLY A 44 -6.63 -2.98 -10.16
C GLY A 44 -5.78 -3.57 -11.31
N ASN A 45 -4.63 -4.18 -10.96
CA ASN A 45 -3.69 -4.84 -11.89
C ASN A 45 -4.38 -5.93 -12.72
N HIS A 46 -4.05 -6.04 -14.01
CA HIS A 46 -4.67 -7.03 -14.92
C HIS A 46 -4.02 -8.43 -14.80
N TYR A 47 -4.78 -9.46 -15.18
CA TYR A 47 -4.39 -10.86 -15.19
C TYR A 47 -5.16 -11.57 -16.31
N LEU A 48 -4.54 -12.60 -16.87
CA LEU A 48 -5.12 -13.42 -17.92
C LEU A 48 -5.30 -14.85 -17.36
N PHE A 49 -6.41 -15.51 -17.67
CA PHE A 49 -6.71 -16.87 -17.24
C PHE A 49 -7.23 -17.70 -18.42
N ASN A 50 -6.86 -18.98 -18.48
CA ASN A 50 -7.25 -19.93 -19.53
C ASN A 50 -7.98 -21.13 -18.93
N ALA A 51 -8.53 -22.01 -19.76
CA ALA A 51 -9.24 -23.22 -19.31
C ALA A 51 -8.36 -24.10 -18.40
N MET A 52 -7.06 -24.24 -18.73
CA MET A 52 -6.09 -25.01 -17.93
C MET A 52 -5.80 -24.37 -16.55
N ASP A 53 -5.73 -23.03 -16.48
CA ASP A 53 -5.52 -22.31 -15.22
C ASP A 53 -6.73 -22.51 -14.29
N ILE A 54 -7.93 -22.32 -14.83
CA ILE A 54 -9.20 -22.47 -14.12
C ILE A 54 -9.38 -23.92 -13.63
N ALA A 55 -8.95 -24.92 -14.41
CA ALA A 55 -9.00 -26.33 -14.01
C ALA A 55 -8.11 -26.60 -12.77
N GLU A 56 -6.96 -25.96 -12.64
CA GLU A 56 -6.09 -26.09 -11.47
C GLU A 56 -6.69 -25.34 -10.26
N ILE A 57 -7.20 -24.12 -10.46
CA ILE A 57 -7.86 -23.30 -9.43
C ILE A 57 -9.08 -24.04 -8.83
N ARG A 58 -9.83 -24.76 -9.66
CA ARG A 58 -11.00 -25.59 -9.28
C ARG A 58 -10.65 -26.74 -8.34
N ASN A 59 -9.40 -27.21 -8.43
CA ASN A 59 -8.83 -28.27 -7.60
C ASN A 59 -7.86 -27.70 -6.52
N ASN A 60 -7.94 -26.39 -6.26
CA ASN A 60 -7.11 -25.63 -5.32
C ASN A 60 -5.59 -25.89 -5.53
N ALA A 61 -5.18 -25.98 -6.80
CA ALA A 61 -3.81 -26.26 -7.25
C ALA A 61 -3.18 -25.07 -8.01
N SER A 62 -3.70 -23.86 -7.79
CA SER A 62 -3.32 -22.56 -8.36
C SER A 62 -1.81 -22.32 -8.46
ZN ZN B . -3.19 -7.04 -6.26
N MET A 1 4.98 -8.73 0.85
CA MET A 1 5.86 -7.55 0.70
C MET A 1 5.05 -6.28 0.40
N ASP A 2 5.56 -5.11 0.80
CA ASP A 2 4.87 -3.81 0.69
C ASP A 2 4.90 -3.13 -0.69
N VAL A 3 5.27 -3.87 -1.75
CA VAL A 3 5.40 -3.38 -3.14
C VAL A 3 4.81 -4.37 -4.17
N GLU A 4 3.67 -4.97 -3.82
CA GLU A 4 2.92 -5.95 -4.61
C GLU A 4 2.06 -5.34 -5.74
N PHE A 5 2.60 -4.33 -6.45
CA PHE A 5 1.96 -3.66 -7.61
C PHE A 5 1.95 -4.53 -8.90
N LYS A 6 1.84 -5.85 -8.76
CA LYS A 6 1.85 -6.90 -9.81
C LYS A 6 0.56 -7.00 -10.65
N CYS A 7 -0.15 -5.88 -10.73
CA CYS A 7 -1.40 -5.64 -11.44
C CYS A 7 -1.29 -4.29 -12.17
N THR A 8 -1.45 -4.26 -13.50
CA THR A 8 -1.30 -3.03 -14.31
C THR A 8 -2.50 -2.08 -14.22
N CYS A 9 -3.63 -2.53 -13.68
CA CYS A 9 -4.86 -1.78 -13.49
C CYS A 9 -5.13 -1.50 -12.00
N SER A 10 -6.28 -1.92 -11.47
CA SER A 10 -6.72 -1.72 -10.08
C SER A 10 -7.84 -2.70 -9.68
N ARG A 11 -8.06 -2.82 -8.36
CA ARG A 11 -9.16 -3.58 -7.73
C ARG A 11 -10.52 -3.13 -8.26
N GLU A 12 -10.61 -1.85 -8.63
CA GLU A 12 -11.80 -1.22 -9.20
C GLU A 12 -12.31 -1.92 -10.47
N ARG A 13 -11.42 -2.42 -11.34
CA ARG A 13 -11.82 -3.19 -12.54
C ARG A 13 -12.44 -4.53 -12.14
N CYS A 14 -11.83 -5.22 -11.18
CA CYS A 14 -12.34 -6.47 -10.64
C CYS A 14 -13.71 -6.27 -9.94
N ALA A 15 -13.85 -5.16 -9.20
CA ALA A 15 -15.09 -4.75 -8.55
C ALA A 15 -16.21 -4.48 -9.56
N ASP A 16 -15.91 -3.77 -10.65
CA ASP A 16 -16.86 -3.47 -11.73
C ASP A 16 -17.39 -4.75 -12.40
N ALA A 17 -16.53 -5.76 -12.60
CA ALA A 17 -16.92 -7.06 -13.14
C ALA A 17 -17.84 -7.84 -12.18
N LEU A 18 -17.67 -7.69 -10.86
CA LEU A 18 -18.49 -8.32 -9.83
C LEU A 18 -19.86 -7.63 -9.71
N LYS A 19 -19.91 -6.28 -9.71
CA LYS A 19 -21.14 -5.51 -9.54
C LYS A 19 -22.25 -5.83 -10.56
N THR A 20 -21.90 -6.27 -11.77
CA THR A 20 -22.88 -6.61 -12.83
C THR A 20 -23.49 -8.01 -12.70
N LEU A 21 -22.97 -8.87 -11.81
CA LEU A 21 -23.50 -10.23 -11.58
C LEU A 21 -24.89 -10.18 -10.91
N PRO A 22 -25.76 -11.21 -11.10
CA PRO A 22 -27.09 -11.25 -10.49
C PRO A 22 -27.08 -11.02 -8.98
N ASP A 23 -27.98 -10.17 -8.48
CA ASP A 23 -28.11 -9.86 -7.06
C ASP A 23 -28.33 -11.11 -6.19
N GLU A 24 -29.16 -12.03 -6.68
CA GLU A 24 -29.48 -13.30 -6.04
C GLU A 24 -28.24 -14.21 -5.87
N GLU A 25 -27.37 -14.26 -6.89
CA GLU A 25 -26.12 -15.05 -6.84
C GLU A 25 -25.12 -14.43 -5.86
N VAL A 26 -24.92 -13.11 -5.92
CA VAL A 26 -24.03 -12.37 -5.00
C VAL A 26 -24.50 -12.55 -3.55
N ASP A 27 -25.79 -12.36 -3.27
CA ASP A 27 -26.38 -12.54 -1.95
C ASP A 27 -26.28 -14.00 -1.45
N SER A 28 -26.44 -14.99 -2.33
CA SER A 28 -26.33 -16.41 -1.97
C SER A 28 -24.94 -16.76 -1.43
N ILE A 29 -23.86 -16.25 -2.06
CA ILE A 29 -22.49 -16.50 -1.58
C ILE A 29 -22.26 -15.80 -0.23
N LEU A 30 -22.71 -14.54 -0.08
CA LEU A 30 -22.62 -13.81 1.18
C LEU A 30 -23.38 -14.50 2.33
N ALA A 31 -24.54 -15.09 2.05
CA ALA A 31 -25.33 -15.86 3.02
C ALA A 31 -24.67 -17.18 3.45
N GLU A 32 -23.65 -17.67 2.73
CA GLU A 32 -22.95 -18.92 3.01
C GLU A 32 -21.51 -18.72 3.55
N ASP A 33 -20.82 -17.63 3.21
CA ASP A 33 -19.43 -17.38 3.64
C ASP A 33 -19.09 -15.92 4.03
N GLY A 34 -19.99 -14.96 3.79
CA GLY A 34 -19.80 -13.54 4.12
C GLY A 34 -18.83 -12.76 3.20
N GLU A 35 -18.19 -13.43 2.24
CA GLU A 35 -17.25 -12.85 1.29
C GLU A 35 -17.18 -13.64 -0.02
N ILE A 36 -16.67 -13.01 -1.07
CA ILE A 36 -16.57 -13.49 -2.45
C ILE A 36 -15.17 -13.23 -3.02
N ASP A 37 -14.61 -14.22 -3.70
CA ASP A 37 -13.35 -14.12 -4.42
C ASP A 37 -13.65 -13.87 -5.91
N MET A 38 -13.01 -12.86 -6.50
CA MET A 38 -13.21 -12.44 -7.89
C MET A 38 -11.87 -12.34 -8.64
N HIS A 39 -11.90 -12.59 -9.95
CA HIS A 39 -10.73 -12.65 -10.82
C HIS A 39 -10.51 -11.36 -11.65
N CYS A 40 -9.24 -10.98 -11.81
CA CYS A 40 -8.78 -9.86 -12.64
C CYS A 40 -8.55 -10.40 -14.07
N ASP A 41 -9.58 -10.37 -14.91
CA ASP A 41 -9.50 -10.84 -16.30
C ASP A 41 -8.43 -10.10 -17.13
N TYR A 42 -8.08 -8.87 -16.71
CA TYR A 42 -7.09 -8.00 -17.35
C TYR A 42 -5.63 -8.44 -17.15
N CYS A 43 -5.28 -8.96 -15.97
CA CYS A 43 -3.90 -9.33 -15.59
C CYS A 43 -3.69 -10.79 -15.15
N GLY A 44 -4.74 -11.47 -14.68
CA GLY A 44 -4.70 -12.86 -14.20
C GLY A 44 -4.74 -12.99 -12.67
N ASN A 45 -4.75 -11.87 -11.95
CA ASN A 45 -4.78 -11.78 -10.49
C ASN A 45 -6.18 -12.08 -9.90
N HIS A 46 -6.35 -11.88 -8.59
CA HIS A 46 -7.62 -12.04 -7.87
C HIS A 46 -7.74 -11.02 -6.73
N TYR A 47 -8.96 -10.81 -6.21
CA TYR A 47 -9.29 -9.87 -5.14
C TYR A 47 -10.45 -10.43 -4.34
N LEU A 48 -10.58 -9.97 -3.08
CA LEU A 48 -11.63 -10.40 -2.17
C LEU A 48 -12.58 -9.23 -1.84
N PHE A 49 -13.87 -9.53 -1.72
CA PHE A 49 -14.96 -8.58 -1.46
C PHE A 49 -15.90 -9.15 -0.39
N ASN A 50 -16.41 -8.30 0.50
CA ASN A 50 -17.35 -8.69 1.56
C ASN A 50 -18.67 -7.91 1.48
N ALA A 51 -19.61 -8.26 2.35
CA ALA A 51 -20.94 -7.64 2.38
C ALA A 51 -20.91 -6.10 2.51
N MET A 52 -20.03 -5.56 3.36
CA MET A 52 -19.88 -4.11 3.54
C MET A 52 -19.23 -3.43 2.33
N ASP A 53 -18.24 -4.07 1.69
CA ASP A 53 -17.57 -3.49 0.51
C ASP A 53 -18.50 -3.52 -0.72
N ILE A 54 -19.25 -4.60 -0.90
CA ILE A 54 -20.26 -4.75 -1.96
C ILE A 54 -21.39 -3.73 -1.75
N ALA A 55 -21.75 -3.44 -0.49
CA ALA A 55 -22.75 -2.41 -0.17
C ALA A 55 -22.25 -1.01 -0.60
N GLU A 56 -20.96 -0.71 -0.43
CA GLU A 56 -20.37 0.56 -0.88
C GLU A 56 -20.28 0.62 -2.42
N ILE A 57 -19.98 -0.50 -3.08
CA ILE A 57 -20.00 -0.60 -4.55
C ILE A 57 -21.42 -0.31 -5.08
N ARG A 58 -22.45 -0.85 -4.42
CA ARG A 58 -23.88 -0.60 -4.72
C ARG A 58 -24.28 0.86 -4.43
N ASN A 59 -23.64 1.53 -3.47
CA ASN A 59 -23.87 2.95 -3.16
C ASN A 59 -23.25 3.88 -4.20
N ASN A 60 -22.11 3.46 -4.75
CA ASN A 60 -21.34 4.16 -5.77
C ASN A 60 -21.94 4.03 -7.19
N ALA A 61 -22.49 2.85 -7.53
CA ALA A 61 -23.12 2.57 -8.82
C ALA A 61 -24.28 1.56 -8.68
N SER A 62 -25.33 1.74 -9.49
CA SER A 62 -26.56 0.93 -9.54
C SER A 62 -26.34 -0.57 -9.41
ZN ZN B . -5.31 -6.21 -13.19
N MET A 1 -4.24 11.06 -7.96
CA MET A 1 -5.52 10.38 -7.65
C MET A 1 -5.26 8.90 -7.29
N ASP A 2 -5.02 8.03 -8.28
CA ASP A 2 -4.74 6.61 -8.07
C ASP A 2 -3.38 6.34 -7.38
N VAL A 3 -3.29 5.18 -6.71
CA VAL A 3 -2.09 4.70 -5.99
C VAL A 3 -2.17 3.17 -5.81
N GLU A 4 -1.01 2.49 -5.72
CA GLU A 4 -0.93 1.03 -5.50
C GLU A 4 -1.31 0.67 -4.05
N PHE A 5 -2.57 0.25 -3.85
CA PHE A 5 -3.13 -0.13 -2.54
C PHE A 5 -4.16 -1.28 -2.69
N LYS A 6 -4.34 -2.05 -1.61
CA LYS A 6 -5.24 -3.20 -1.48
C LYS A 6 -6.72 -2.82 -1.67
N CYS A 7 -7.48 -3.83 -2.08
CA CYS A 7 -8.93 -3.80 -2.27
C CYS A 7 -9.68 -3.36 -0.99
N THR A 8 -10.63 -2.45 -1.13
CA THR A 8 -11.49 -1.95 -0.04
C THR A 8 -12.52 -3.00 0.41
N CYS A 9 -12.82 -3.99 -0.45
CA CYS A 9 -13.78 -5.06 -0.26
C CYS A 9 -13.12 -6.46 -0.47
N SER A 10 -13.37 -7.12 -1.61
CA SER A 10 -12.84 -8.46 -1.91
C SER A 10 -12.95 -8.82 -3.40
N ARG A 11 -12.24 -9.89 -3.83
CA ARG A 11 -12.29 -10.46 -5.19
C ARG A 11 -13.73 -10.83 -5.58
N GLU A 12 -14.54 -11.18 -4.59
CA GLU A 12 -15.95 -11.54 -4.75
C GLU A 12 -16.77 -10.43 -5.43
N ARG A 13 -16.46 -9.14 -5.15
CA ARG A 13 -17.11 -8.01 -5.83
C ARG A 13 -16.71 -7.92 -7.30
N CYS A 14 -15.43 -8.13 -7.59
CA CYS A 14 -14.89 -8.19 -8.95
C CYS A 14 -15.47 -9.38 -9.73
N ALA A 15 -15.64 -10.54 -9.06
CA ALA A 15 -16.26 -11.75 -9.62
C ALA A 15 -17.73 -11.49 -10.01
N ASP A 16 -18.50 -10.81 -9.16
CA ASP A 16 -19.89 -10.42 -9.40
C ASP A 16 -19.98 -9.48 -10.62
N ALA A 17 -19.00 -8.58 -10.78
CA ALA A 17 -18.89 -7.69 -11.95
C ALA A 17 -18.47 -8.44 -13.23
N LEU A 18 -17.65 -9.50 -13.15
CA LEU A 18 -17.20 -10.31 -14.27
C LEU A 18 -18.34 -11.17 -14.83
N LYS A 19 -19.17 -11.79 -13.98
CA LYS A 19 -20.27 -12.67 -14.39
C LYS A 19 -21.31 -12.05 -15.33
N THR A 20 -21.47 -10.72 -15.33
CA THR A 20 -22.42 -10.00 -16.21
C THR A 20 -21.86 -9.66 -17.59
N LEU A 21 -20.54 -9.80 -17.81
CA LEU A 21 -19.88 -9.56 -19.10
C LEU A 21 -20.27 -10.67 -20.12
N PRO A 22 -20.18 -10.42 -21.44
CA PRO A 22 -20.50 -11.41 -22.48
C PRO A 22 -19.75 -12.74 -22.27
N ASP A 23 -20.49 -13.83 -22.01
CA ASP A 23 -19.92 -15.15 -21.74
C ASP A 23 -19.03 -15.67 -22.88
N GLU A 24 -19.39 -15.36 -24.12
CA GLU A 24 -18.61 -15.73 -25.31
C GLU A 24 -17.25 -15.02 -25.36
N GLU A 25 -17.17 -13.75 -24.94
CA GLU A 25 -15.90 -13.00 -24.85
C GLU A 25 -15.03 -13.57 -23.72
N VAL A 26 -15.65 -13.85 -22.57
CA VAL A 26 -14.99 -14.47 -21.40
C VAL A 26 -14.40 -15.83 -21.81
N ASP A 27 -15.16 -16.67 -22.51
CA ASP A 27 -14.70 -17.97 -23.00
C ASP A 27 -13.59 -17.84 -24.05
N SER A 28 -13.66 -16.83 -24.93
CA SER A 28 -12.63 -16.57 -25.95
C SER A 28 -11.26 -16.30 -25.33
N ILE A 29 -11.20 -15.53 -24.23
CA ILE A 29 -9.96 -15.28 -23.50
C ILE A 29 -9.46 -16.58 -22.84
N LEU A 30 -10.34 -17.34 -22.19
CA LEU A 30 -9.98 -18.63 -21.59
C LEU A 30 -9.42 -19.63 -22.62
N ALA A 31 -9.97 -19.63 -23.84
CA ALA A 31 -9.52 -20.49 -24.95
C ALA A 31 -8.15 -20.08 -25.54
N GLU A 32 -7.55 -18.97 -25.12
CA GLU A 32 -6.27 -18.46 -25.64
C GLU A 32 -5.20 -18.15 -24.55
N ASP A 33 -5.62 -17.83 -23.32
CA ASP A 33 -4.74 -17.51 -22.18
C ASP A 33 -5.05 -18.30 -20.90
N GLY A 34 -6.22 -18.93 -20.77
CA GLY A 34 -6.62 -19.73 -19.60
C GLY A 34 -6.97 -18.94 -18.33
N GLU A 35 -6.87 -17.62 -18.36
CA GLU A 35 -7.16 -16.70 -17.24
C GLU A 35 -7.48 -15.28 -17.75
N ILE A 36 -8.13 -14.47 -16.90
CA ILE A 36 -8.53 -13.09 -17.18
C ILE A 36 -8.16 -12.20 -15.99
N ASP A 37 -7.60 -11.02 -16.27
CA ASP A 37 -7.24 -9.99 -15.32
C ASP A 37 -8.28 -8.85 -15.36
N MET A 38 -8.85 -8.50 -14.21
CA MET A 38 -9.90 -7.47 -14.08
C MET A 38 -9.69 -6.58 -12.84
N HIS A 39 -10.12 -5.32 -12.94
CA HIS A 39 -10.07 -4.35 -11.85
C HIS A 39 -11.42 -4.31 -11.11
N CYS A 40 -11.37 -4.33 -9.77
CA CYS A 40 -12.52 -4.28 -8.88
C CYS A 40 -13.40 -3.05 -9.20
N ASP A 41 -14.68 -3.28 -9.52
CA ASP A 41 -15.64 -2.24 -9.90
C ASP A 41 -15.96 -1.20 -8.81
N TYR A 42 -15.49 -1.42 -7.57
CA TYR A 42 -15.76 -0.56 -6.41
C TYR A 42 -14.56 0.31 -5.96
N CYS A 43 -13.34 -0.19 -6.10
CA CYS A 43 -12.10 0.48 -5.65
C CYS A 43 -10.88 0.38 -6.60
N GLY A 44 -11.00 -0.32 -7.74
CA GLY A 44 -9.96 -0.40 -8.78
C GLY A 44 -8.83 -1.42 -8.56
N ASN A 45 -8.78 -2.14 -7.43
CA ASN A 45 -7.74 -3.16 -7.18
C ASN A 45 -7.78 -4.27 -8.24
N HIS A 46 -6.64 -4.70 -8.77
CA HIS A 46 -6.58 -5.75 -9.80
C HIS A 46 -6.62 -7.16 -9.18
N TYR A 47 -7.31 -8.09 -9.86
CA TYR A 47 -7.49 -9.48 -9.48
C TYR A 47 -7.48 -10.34 -10.74
N LEU A 48 -7.15 -11.62 -10.56
CA LEU A 48 -7.13 -12.61 -11.62
C LEU A 48 -8.19 -13.70 -11.43
N PHE A 49 -8.72 -14.22 -12.53
CA PHE A 49 -9.73 -15.27 -12.58
C PHE A 49 -9.32 -16.37 -13.55
N ASN A 50 -9.30 -17.61 -13.08
CA ASN A 50 -8.89 -18.78 -13.83
C ASN A 50 -10.09 -19.47 -14.51
N ALA A 51 -9.81 -20.45 -15.37
CA ALA A 51 -10.87 -21.27 -16.00
C ALA A 51 -11.75 -21.96 -14.94
N MET A 52 -11.13 -22.44 -13.85
CA MET A 52 -11.82 -23.07 -12.71
C MET A 52 -12.70 -22.07 -11.93
N ASP A 53 -12.23 -20.83 -11.73
CA ASP A 53 -13.01 -19.79 -11.05
C ASP A 53 -14.28 -19.46 -11.85
N ILE A 54 -14.14 -19.27 -13.16
CA ILE A 54 -15.24 -18.95 -14.08
C ILE A 54 -16.20 -20.15 -14.20
N ALA A 55 -15.69 -21.38 -14.21
CA ALA A 55 -16.53 -22.58 -14.22
C ALA A 55 -17.43 -22.68 -12.97
N GLU A 56 -16.94 -22.23 -11.80
CA GLU A 56 -17.73 -22.17 -10.57
C GLU A 56 -18.76 -21.04 -10.63
N ILE A 57 -18.35 -19.85 -11.10
CA ILE A 57 -19.26 -18.69 -11.27
C ILE A 57 -20.41 -19.07 -12.21
N ARG A 58 -20.12 -19.78 -13.31
CA ARG A 58 -21.10 -20.28 -14.30
C ARG A 58 -22.16 -21.25 -13.75
N ASN A 59 -21.96 -21.85 -12.56
CA ASN A 59 -22.94 -22.78 -11.96
C ASN A 59 -23.36 -22.44 -10.51
N ASN A 60 -22.83 -21.35 -9.94
CA ASN A 60 -23.12 -20.90 -8.58
C ASN A 60 -23.47 -19.39 -8.48
N ALA A 61 -23.07 -18.57 -9.46
CA ALA A 61 -23.34 -17.13 -9.59
C ALA A 61 -22.95 -16.24 -8.37
N SER A 62 -22.10 -16.74 -7.46
CA SER A 62 -21.57 -16.08 -6.24
C SER A 62 -22.60 -15.22 -5.47
ZN ZN B . -12.77 -3.91 -4.14
N MET A 1 5.38 -17.10 -38.90
CA MET A 1 6.36 -16.19 -39.56
C MET A 1 5.63 -15.18 -40.44
N ASP A 2 6.07 -13.92 -40.44
CA ASP A 2 5.51 -12.82 -41.24
C ASP A 2 6.59 -11.78 -41.63
N VAL A 3 6.36 -11.02 -42.69
CA VAL A 3 7.29 -10.02 -43.25
C VAL A 3 7.61 -8.88 -42.27
N GLU A 4 8.88 -8.48 -42.19
CA GLU A 4 9.38 -7.37 -41.34
C GLU A 4 9.27 -6.01 -42.08
N PHE A 5 8.08 -5.71 -42.62
CA PHE A 5 7.77 -4.50 -43.40
C PHE A 5 6.48 -3.80 -42.92
N LYS A 6 6.27 -3.81 -41.60
CA LYS A 6 5.10 -3.23 -40.90
C LYS A 6 5.42 -2.15 -39.84
N CYS A 7 6.70 -1.85 -39.80
CA CYS A 7 7.39 -0.82 -39.00
C CYS A 7 8.71 -0.47 -39.70
N THR A 8 8.92 0.81 -40.04
CA THR A 8 10.10 1.32 -40.74
C THR A 8 11.41 1.17 -39.94
N CYS A 9 11.31 0.99 -38.62
CA CYS A 9 12.40 0.92 -37.64
C CYS A 9 12.38 -0.34 -36.74
N SER A 10 11.41 -1.24 -36.93
CA SER A 10 11.22 -2.52 -36.23
C SER A 10 10.99 -2.47 -34.71
N ARG A 11 10.70 -3.64 -34.14
CA ARG A 11 10.50 -3.91 -32.70
C ARG A 11 11.71 -3.47 -31.87
N GLU A 12 12.90 -3.57 -32.45
CA GLU A 12 14.19 -3.23 -31.81
C GLU A 12 14.21 -1.79 -31.26
N ARG A 13 13.72 -0.80 -32.02
CA ARG A 13 13.65 0.60 -31.53
C ARG A 13 12.61 0.78 -30.43
N CYS A 14 11.47 0.09 -30.52
CA CYS A 14 10.42 0.12 -29.49
C CYS A 14 10.92 -0.53 -28.17
N ALA A 15 11.63 -1.65 -28.28
CA ALA A 15 12.24 -2.37 -27.17
C ALA A 15 13.29 -1.51 -26.45
N ASP A 16 14.16 -0.84 -27.21
CA ASP A 16 15.18 0.06 -26.66
C ASP A 16 14.56 1.26 -25.93
N ALA A 17 13.44 1.78 -26.42
CA ALA A 17 12.70 2.87 -25.78
C ALA A 17 12.02 2.44 -24.47
N LEU A 18 11.42 1.24 -24.40
CA LEU A 18 10.74 0.71 -23.23
C LEU A 18 11.69 0.53 -22.03
N LYS A 19 12.91 0.03 -22.25
CA LYS A 19 13.91 -0.21 -21.21
C LYS A 19 14.32 1.04 -20.41
N THR A 20 14.09 2.25 -20.97
CA THR A 20 14.44 3.53 -20.33
C THR A 20 13.53 3.88 -19.14
N LEU A 21 12.32 3.30 -19.07
CA LEU A 21 11.38 3.50 -17.96
C LEU A 21 11.91 2.82 -16.67
N PRO A 22 11.73 3.43 -15.48
CA PRO A 22 12.17 2.85 -14.20
C PRO A 22 11.66 1.42 -14.01
N ASP A 23 12.57 0.48 -13.69
CA ASP A 23 12.24 -0.93 -13.49
C ASP A 23 11.14 -1.17 -12.45
N GLU A 24 11.13 -0.35 -11.40
CA GLU A 24 10.12 -0.40 -10.33
C GLU A 24 8.70 -0.09 -10.87
N GLU A 25 8.55 0.91 -11.75
CA GLU A 25 7.26 1.24 -12.38
C GLU A 25 6.83 0.16 -13.38
N VAL A 26 7.78 -0.37 -14.16
CA VAL A 26 7.55 -1.47 -15.11
C VAL A 26 7.04 -2.71 -14.36
N ASP A 27 7.67 -3.06 -13.24
CA ASP A 27 7.27 -4.18 -12.38
C ASP A 27 5.86 -4.00 -11.81
N SER A 28 5.46 -2.77 -11.42
CA SER A 28 4.11 -2.49 -10.92
C SER A 28 3.03 -2.80 -11.97
N ILE A 29 3.26 -2.48 -13.25
CA ILE A 29 2.33 -2.78 -14.34
C ILE A 29 2.26 -4.30 -14.58
N LEU A 30 3.42 -4.98 -14.62
CA LEU A 30 3.49 -6.44 -14.78
C LEU A 30 2.77 -7.16 -13.62
N ALA A 31 2.84 -6.64 -12.39
CA ALA A 31 2.18 -7.19 -11.21
C ALA A 31 0.63 -7.12 -11.23
N GLU A 32 0.02 -6.38 -12.17
CA GLU A 32 -1.45 -6.25 -12.28
C GLU A 32 -2.02 -6.67 -13.65
N ASP A 33 -1.19 -6.88 -14.67
CA ASP A 33 -1.65 -7.29 -16.03
C ASP A 33 -0.73 -8.31 -16.74
N GLY A 34 0.51 -8.53 -16.27
CA GLY A 34 1.48 -9.47 -16.83
C GLY A 34 2.12 -9.07 -18.18
N GLU A 35 1.68 -7.97 -18.78
CA GLU A 35 2.17 -7.45 -20.06
C GLU A 35 1.95 -5.94 -20.20
N ILE A 36 2.57 -5.34 -21.23
CA ILE A 36 2.56 -3.91 -21.52
C ILE A 36 2.33 -3.70 -23.03
N ASP A 37 1.37 -2.83 -23.36
CA ASP A 37 1.07 -2.38 -24.73
C ASP A 37 1.89 -1.10 -24.96
N MET A 38 2.96 -1.21 -25.74
CA MET A 38 3.92 -0.13 -26.01
C MET A 38 3.80 0.38 -27.46
N HIS A 39 4.17 1.65 -27.66
CA HIS A 39 4.14 2.31 -28.97
C HIS A 39 5.54 2.76 -29.39
N CYS A 40 5.84 2.52 -30.67
CA CYS A 40 7.07 2.87 -31.35
C CYS A 40 7.08 4.38 -31.63
N ASP A 41 7.55 5.19 -30.67
CA ASP A 41 7.60 6.65 -30.74
C ASP A 41 8.27 7.22 -32.01
N TYR A 42 9.12 6.41 -32.65
CA TYR A 42 9.83 6.69 -33.89
C TYR A 42 8.92 6.86 -35.13
N CYS A 43 7.80 6.12 -35.19
CA CYS A 43 6.86 6.13 -36.32
C CYS A 43 5.35 6.08 -35.97
N GLY A 44 4.97 5.47 -34.83
CA GLY A 44 3.60 5.37 -34.34
C GLY A 44 3.02 3.95 -34.22
N ASN A 45 3.77 2.92 -34.64
CA ASN A 45 3.33 1.51 -34.55
C ASN A 45 3.16 1.02 -33.09
N HIS A 46 2.55 -0.15 -32.87
CA HIS A 46 2.33 -0.76 -31.56
C HIS A 46 2.95 -2.17 -31.45
N TYR A 47 3.35 -2.57 -30.24
CA TYR A 47 3.96 -3.86 -29.93
C TYR A 47 3.62 -4.26 -28.50
N LEU A 48 3.60 -5.57 -28.23
CA LEU A 48 3.33 -6.11 -26.89
C LEU A 48 4.61 -6.65 -26.25
N PHE A 49 4.76 -6.44 -24.95
CA PHE A 49 5.92 -6.88 -24.15
C PHE A 49 5.47 -7.52 -22.84
N ASN A 50 6.20 -8.52 -22.38
CA ASN A 50 5.96 -9.27 -21.15
C ASN A 50 7.21 -9.30 -20.26
N ALA A 51 7.08 -9.87 -19.06
CA ALA A 51 8.17 -9.98 -18.10
C ALA A 51 9.42 -10.69 -18.65
N MET A 52 9.25 -11.78 -19.41
CA MET A 52 10.37 -12.52 -20.02
C MET A 52 11.02 -11.73 -21.17
N ASP A 53 10.25 -11.06 -22.02
CA ASP A 53 10.79 -10.20 -23.09
C ASP A 53 11.61 -9.03 -22.50
N ILE A 54 11.10 -8.40 -21.43
CA ILE A 54 11.78 -7.32 -20.71
C ILE A 54 13.06 -7.83 -20.04
N ALA A 55 13.03 -9.04 -19.46
CA ALA A 55 14.22 -9.68 -18.88
C ALA A 55 15.29 -9.97 -19.94
N GLU A 56 14.89 -10.37 -21.15
CA GLU A 56 15.82 -10.60 -22.28
C GLU A 56 16.41 -9.27 -22.75
N ILE A 57 15.60 -8.20 -22.87
CA ILE A 57 16.06 -6.85 -23.24
C ILE A 57 17.13 -6.36 -22.24
N ARG A 58 16.91 -6.60 -20.94
CA ARG A 58 17.83 -6.28 -19.83
C ARG A 58 19.14 -7.08 -19.83
N ASN A 59 19.27 -8.13 -20.65
CA ASN A 59 20.47 -9.00 -20.68
C ASN A 59 21.06 -9.25 -22.10
N ASN A 60 20.41 -8.74 -23.15
CA ASN A 60 20.82 -8.92 -24.55
C ASN A 60 20.63 -7.65 -25.42
N ALA A 61 19.98 -6.60 -24.92
CA ALA A 61 19.76 -5.34 -25.64
C ALA A 61 20.16 -4.10 -24.80
N SER A 62 21.04 -4.29 -23.81
CA SER A 62 21.60 -3.26 -22.91
C SER A 62 22.34 -2.14 -23.64
ZN ZN B . 8.69 2.02 -35.65
N MET A 1 19.94 -4.53 -23.12
CA MET A 1 19.94 -4.41 -21.64
C MET A 1 19.30 -5.65 -21.00
N ASP A 2 19.65 -5.97 -19.75
CA ASP A 2 19.17 -7.17 -19.03
C ASP A 2 18.69 -6.84 -17.59
N VAL A 3 17.79 -5.87 -17.46
CA VAL A 3 17.19 -5.44 -16.18
C VAL A 3 15.75 -4.94 -16.38
N GLU A 4 14.94 -4.98 -15.31
CA GLU A 4 13.53 -4.55 -15.29
C GLU A 4 13.25 -3.80 -13.97
N PHE A 5 13.93 -2.65 -13.83
CA PHE A 5 13.87 -1.79 -12.65
C PHE A 5 12.50 -1.14 -12.42
N LYS A 6 12.08 -1.07 -11.14
CA LYS A 6 10.85 -0.44 -10.64
C LYS A 6 10.96 -0.17 -9.13
N CYS A 7 9.98 0.55 -8.59
CA CYS A 7 9.82 0.80 -7.16
C CYS A 7 9.73 -0.54 -6.40
N THR A 8 10.65 -0.78 -5.45
CA THR A 8 10.74 -2.06 -4.71
C THR A 8 9.60 -2.35 -3.73
N CYS A 9 8.75 -1.35 -3.41
CA CYS A 9 7.63 -1.46 -2.47
C CYS A 9 6.26 -1.11 -3.06
N SER A 10 6.22 -0.47 -4.24
CA SER A 10 5.03 -0.07 -5.01
C SER A 10 4.02 0.82 -4.25
N ARG A 11 2.87 1.11 -4.91
CA ARG A 11 1.78 1.96 -4.37
C ARG A 11 1.25 1.47 -3.02
N GLU A 12 1.33 0.16 -2.79
CA GLU A 12 0.86 -0.51 -1.56
C GLU A 12 1.43 0.12 -0.27
N ARG A 13 2.73 0.48 -0.23
CA ARG A 13 3.30 1.17 0.95
C ARG A 13 2.71 2.56 1.13
N CYS A 14 2.54 3.33 0.04
CA CYS A 14 1.91 4.64 0.11
C CYS A 14 0.43 4.52 0.55
N ALA A 15 -0.29 3.50 0.07
CA ALA A 15 -1.67 3.22 0.47
C ALA A 15 -1.77 2.92 1.98
N ASP A 16 -0.85 2.11 2.52
CA ASP A 16 -0.77 1.81 3.95
C ASP A 16 -0.43 3.07 4.78
N ALA A 17 0.51 3.88 4.31
CA ALA A 17 0.88 5.16 4.92
C ALA A 17 -0.30 6.16 4.96
N LEU A 18 -1.17 6.13 3.94
CA LEU A 18 -2.37 6.96 3.83
C LEU A 18 -3.48 6.44 4.78
N LYS A 19 -3.72 5.12 4.84
CA LYS A 19 -4.78 4.50 5.66
C LYS A 19 -4.68 4.73 7.17
N THR A 20 -3.50 5.00 7.71
CA THR A 20 -3.30 5.26 9.16
C THR A 20 -3.71 6.68 9.58
N LEU A 21 -3.88 7.61 8.63
CA LEU A 21 -4.32 8.98 8.90
C LEU A 21 -5.82 9.03 9.26
N PRO A 22 -6.30 10.06 10.00
CA PRO A 22 -7.72 10.21 10.32
C PRO A 22 -8.59 10.21 9.05
N ASP A 23 -9.75 9.55 9.09
CA ASP A 23 -10.66 9.47 7.93
C ASP A 23 -11.07 10.87 7.43
N GLU A 24 -11.37 11.78 8.35
CA GLU A 24 -11.74 13.17 8.06
C GLU A 24 -10.64 13.98 7.35
N GLU A 25 -9.35 13.68 7.61
CA GLU A 25 -8.20 14.31 6.94
C GLU A 25 -8.12 13.88 5.47
N VAL A 26 -8.45 12.62 5.18
CA VAL A 26 -8.49 12.06 3.81
C VAL A 26 -9.74 12.55 3.06
N ASP A 27 -10.90 12.52 3.73
CA ASP A 27 -12.20 12.92 3.18
C ASP A 27 -12.27 14.41 2.77
N SER A 28 -11.63 15.31 3.53
CA SER A 28 -11.63 16.76 3.21
C SER A 28 -11.00 17.07 1.85
N ILE A 29 -9.95 16.34 1.43
CA ILE A 29 -9.30 16.54 0.14
C ILE A 29 -10.24 16.11 -1.00
N LEU A 30 -11.00 15.02 -0.82
CA LEU A 30 -12.00 14.58 -1.81
C LEU A 30 -13.10 15.64 -2.03
N ALA A 31 -13.43 16.43 -1.00
CA ALA A 31 -14.40 17.52 -1.06
C ALA A 31 -13.86 18.83 -1.67
N GLU A 32 -12.55 18.92 -1.98
CA GLU A 32 -11.90 20.12 -2.52
C GLU A 32 -11.13 19.90 -3.84
N ASP A 33 -10.65 18.68 -4.12
CA ASP A 33 -9.90 18.33 -5.34
C ASP A 33 -10.29 16.95 -5.96
N GLY A 34 -10.79 16.02 -5.15
CA GLY A 34 -11.24 14.69 -5.60
C GLY A 34 -10.14 13.62 -5.70
N GLU A 35 -8.88 13.97 -5.44
CA GLU A 35 -7.70 13.08 -5.49
C GLU A 35 -6.61 13.55 -4.51
N ILE A 36 -5.67 12.65 -4.19
CA ILE A 36 -4.53 12.88 -3.30
C ILE A 36 -3.25 12.40 -3.99
N ASP A 37 -2.18 13.18 -3.89
CA ASP A 37 -0.84 12.87 -4.41
C ASP A 37 0.10 12.56 -3.24
N MET A 38 0.87 11.48 -3.33
CA MET A 38 1.77 11.03 -2.27
C MET A 38 3.14 10.60 -2.82
N HIS A 39 4.21 10.97 -2.12
CA HIS A 39 5.59 10.68 -2.49
C HIS A 39 6.10 9.39 -1.81
N CYS A 40 6.76 8.53 -2.59
CA CYS A 40 7.41 7.31 -2.15
C CYS A 40 8.77 7.67 -1.53
N ASP A 41 8.79 8.12 -0.27
CA ASP A 41 10.02 8.47 0.45
C ASP A 41 11.02 7.29 0.52
N TYR A 42 10.52 6.06 0.34
CA TYR A 42 11.27 4.81 0.31
C TYR A 42 12.20 4.67 -0.91
N CYS A 43 11.75 5.09 -2.09
CA CYS A 43 12.44 4.91 -3.38
C CYS A 43 12.67 6.18 -4.24
N GLY A 44 11.81 7.19 -4.11
CA GLY A 44 11.88 8.47 -4.84
C GLY A 44 10.73 8.75 -5.81
N ASN A 45 9.86 7.76 -6.08
CA ASN A 45 8.69 7.86 -6.96
C ASN A 45 7.52 8.65 -6.33
N HIS A 46 6.37 8.71 -6.99
CA HIS A 46 5.11 9.28 -6.48
C HIS A 46 3.91 8.45 -6.98
N TYR A 47 2.74 8.61 -6.34
CA TYR A 47 1.53 7.87 -6.65
C TYR A 47 0.31 8.75 -6.41
N LEU A 48 -0.76 8.44 -7.11
CA LEU A 48 -2.03 9.15 -7.01
C LEU A 48 -3.12 8.22 -6.45
N PHE A 49 -4.06 8.79 -5.69
CA PHE A 49 -5.19 8.09 -5.08
C PHE A 49 -6.48 8.88 -5.29
N ASN A 50 -7.58 8.19 -5.58
CA ASN A 50 -8.90 8.79 -5.82
C ASN A 50 -9.99 8.27 -4.86
N ALA A 51 -11.22 8.75 -5.05
CA ALA A 51 -12.37 8.36 -4.23
C ALA A 51 -12.63 6.84 -4.22
N MET A 52 -12.45 6.14 -5.36
CA MET A 52 -12.61 4.68 -5.45
C MET A 52 -11.50 3.93 -4.71
N ASP A 53 -10.26 4.42 -4.78
CA ASP A 53 -9.13 3.85 -4.04
C ASP A 53 -9.36 3.97 -2.53
N ILE A 54 -9.77 5.16 -2.08
CA ILE A 54 -10.09 5.46 -0.68
C ILE A 54 -11.28 4.63 -0.19
N ALA A 55 -12.30 4.41 -1.03
CA ALA A 55 -13.44 3.55 -0.70
C ALA A 55 -13.01 2.09 -0.46
N GLU A 56 -12.00 1.59 -1.20
CA GLU A 56 -11.43 0.25 -0.98
C GLU A 56 -10.56 0.23 0.28
N ILE A 57 -9.72 1.25 0.51
CA ILE A 57 -8.91 1.39 1.72
C ILE A 57 -9.82 1.42 2.98
N ARG A 58 -11.00 2.05 2.88
CA ARG A 58 -12.05 2.11 3.93
C ARG A 58 -12.66 0.73 4.27
N ASN A 59 -12.47 -0.28 3.41
CA ASN A 59 -12.86 -1.68 3.65
C ASN A 59 -11.63 -2.60 3.86
N ASN A 60 -10.52 -2.01 4.32
CA ASN A 60 -9.24 -2.61 4.66
C ASN A 60 -8.51 -3.30 3.48
N ALA A 61 -8.63 -2.76 2.26
CA ALA A 61 -7.94 -3.28 1.07
C ALA A 61 -6.40 -3.15 1.11
N SER A 62 -5.85 -2.35 2.03
CA SER A 62 -4.41 -2.08 2.25
C SER A 62 -4.08 -2.00 3.75
ZN ZN B . 8.94 2.60 -3.20
N MET A 1 -6.74 0.44 -2.34
CA MET A 1 -6.53 1.79 -1.75
C MET A 1 -5.70 1.70 -0.48
N ASP A 2 -4.61 2.44 -0.41
CA ASP A 2 -3.68 2.52 0.73
C ASP A 2 -2.93 3.87 0.73
N VAL A 3 -2.53 4.34 1.92
CA VAL A 3 -1.82 5.62 2.10
C VAL A 3 -0.43 5.61 1.43
N GLU A 4 -0.12 6.68 0.69
CA GLU A 4 1.15 6.88 -0.02
C GLU A 4 1.49 8.38 -0.12
N PHE A 5 2.78 8.67 -0.32
CA PHE A 5 3.37 10.01 -0.41
C PHE A 5 4.37 10.07 -1.59
N LYS A 6 3.91 9.64 -2.78
CA LYS A 6 4.68 9.47 -4.02
C LYS A 6 3.98 10.06 -5.25
N CYS A 7 3.11 11.03 -4.99
CA CYS A 7 2.26 11.76 -5.95
C CYS A 7 3.03 12.29 -7.18
N THR A 8 2.79 11.70 -8.35
CA THR A 8 3.44 12.08 -9.62
C THR A 8 2.86 13.38 -10.21
N CYS A 9 1.55 13.60 -10.06
CA CYS A 9 0.81 14.76 -10.53
C CYS A 9 0.87 16.00 -9.59
N SER A 10 1.50 15.83 -8.41
CA SER A 10 1.81 16.86 -7.39
C SER A 10 0.66 17.36 -6.50
N ARG A 11 1.06 18.15 -5.49
CA ARG A 11 0.23 18.83 -4.48
C ARG A 11 -0.85 19.70 -5.10
N GLU A 12 -0.57 20.24 -6.29
CA GLU A 12 -1.50 21.12 -7.03
C GLU A 12 -2.86 20.43 -7.30
N ARG A 13 -2.86 19.11 -7.55
CA ARG A 13 -4.09 18.32 -7.75
C ARG A 13 -4.90 18.19 -6.47
N CYS A 14 -4.21 17.87 -5.37
CA CYS A 14 -4.80 17.78 -4.03
C CYS A 14 -5.33 19.14 -3.55
N ALA A 15 -4.62 20.22 -3.88
CA ALA A 15 -5.03 21.60 -3.59
C ALA A 15 -6.32 21.96 -4.34
N ASP A 16 -6.43 21.60 -5.63
CA ASP A 16 -7.64 21.81 -6.43
C ASP A 16 -8.83 21.01 -5.86
N ALA A 17 -8.59 19.79 -5.38
CA ALA A 17 -9.60 18.96 -4.71
C ALA A 17 -10.14 19.62 -3.41
N LEU A 18 -9.28 20.35 -2.67
CA LEU A 18 -9.62 21.11 -1.48
C LEU A 18 -10.37 22.41 -1.84
N LYS A 19 -9.93 23.14 -2.88
CA LYS A 19 -10.47 24.39 -3.39
C LYS A 19 -11.99 24.35 -3.67
N THR A 20 -12.51 23.22 -4.16
CA THR A 20 -13.95 23.05 -4.47
C THR A 20 -14.86 22.82 -3.25
N LEU A 21 -14.29 22.52 -2.07
CA LEU A 21 -15.06 22.33 -0.83
C LEU A 21 -15.65 23.67 -0.32
N PRO A 22 -16.77 23.66 0.44
CA PRO A 22 -17.38 24.88 0.97
C PRO A 22 -16.39 25.74 1.78
N ASP A 23 -16.37 27.05 1.50
CA ASP A 23 -15.48 28.02 2.17
C ASP A 23 -15.66 28.04 3.69
N GLU A 24 -16.93 27.96 4.13
CA GLU A 24 -17.31 27.92 5.56
C GLU A 24 -16.78 26.67 6.27
N GLU A 25 -16.78 25.50 5.63
CA GLU A 25 -16.25 24.25 6.22
C GLU A 25 -14.73 24.33 6.36
N VAL A 26 -14.03 24.84 5.34
CA VAL A 26 -12.58 25.05 5.35
C VAL A 26 -12.21 26.04 6.46
N ASP A 27 -12.90 27.18 6.53
CA ASP A 27 -12.70 28.21 7.56
C ASP A 27 -12.95 27.67 8.99
N SER A 28 -13.98 26.83 9.16
CA SER A 28 -14.31 26.22 10.46
C SER A 28 -13.17 25.35 11.00
N ILE A 29 -12.56 24.50 10.16
CA ILE A 29 -11.41 23.67 10.56
C ILE A 29 -10.20 24.57 10.89
N LEU A 30 -9.91 25.58 10.06
CA LEU A 30 -8.81 26.53 10.32
C LEU A 30 -8.99 27.29 11.65
N ALA A 31 -10.24 27.60 12.03
CA ALA A 31 -10.57 28.27 13.30
C ALA A 31 -10.41 27.37 14.55
N GLU A 32 -10.16 26.07 14.40
CA GLU A 32 -10.00 25.11 15.52
C GLU A 32 -8.67 24.35 15.53
N ASP A 33 -7.97 24.21 14.40
CA ASP A 33 -6.67 23.51 14.30
C ASP A 33 -5.62 24.18 13.41
N GLY A 34 -6.02 25.09 12.51
CA GLY A 34 -5.12 25.83 11.61
C GLY A 34 -4.60 25.06 10.39
N GLU A 35 -4.96 23.78 10.23
CA GLU A 35 -4.54 22.93 9.11
C GLU A 35 -5.56 21.83 8.76
N ILE A 36 -5.47 21.29 7.53
CA ILE A 36 -6.36 20.26 6.96
C ILE A 36 -5.52 19.17 6.28
N ASP A 37 -5.88 17.90 6.50
CA ASP A 37 -5.32 16.72 5.83
C ASP A 37 -6.26 16.36 4.66
N MET A 38 -5.70 16.23 3.45
CA MET A 38 -6.44 15.95 2.21
C MET A 38 -5.72 14.91 1.34
N HIS A 39 -6.46 14.28 0.42
CA HIS A 39 -5.91 13.29 -0.51
C HIS A 39 -6.24 13.64 -1.98
N CYS A 40 -5.25 13.41 -2.85
CA CYS A 40 -5.30 13.64 -4.28
C CYS A 40 -6.41 12.78 -4.93
N ASP A 41 -7.42 13.41 -5.52
CA ASP A 41 -8.55 12.72 -6.17
C ASP A 41 -8.13 11.86 -7.39
N TYR A 42 -6.92 12.05 -7.88
CA TYR A 42 -6.36 11.39 -9.07
C TYR A 42 -5.63 10.06 -8.77
N CYS A 43 -4.91 9.97 -7.65
CA CYS A 43 -4.11 8.79 -7.25
C CYS A 43 -4.17 8.41 -5.75
N GLY A 44 -4.90 9.13 -4.90
CA GLY A 44 -5.07 8.83 -3.47
C GLY A 44 -3.94 9.29 -2.54
N ASN A 45 -2.85 9.86 -3.06
CA ASN A 45 -1.72 10.35 -2.27
C ASN A 45 -2.16 11.47 -1.30
N HIS A 46 -1.72 11.41 -0.04
CA HIS A 46 -2.07 12.41 0.98
C HIS A 46 -1.12 13.63 1.00
N TYR A 47 -1.63 14.77 1.48
CA TYR A 47 -0.95 16.04 1.65
C TYR A 47 -1.62 16.81 2.80
N LEU A 48 -0.89 17.77 3.37
CA LEU A 48 -1.38 18.67 4.41
C LEU A 48 -1.42 20.11 3.89
N PHE A 49 -2.39 20.91 4.33
CA PHE A 49 -2.58 22.31 3.94
C PHE A 49 -2.83 23.20 5.16
N ASN A 50 -2.33 24.43 5.12
CA ASN A 50 -2.42 25.40 6.21
C ASN A 50 -3.21 26.64 5.78
N ALA A 51 -3.54 27.53 6.73
CA ALA A 51 -4.22 28.79 6.43
C ALA A 51 -3.44 29.64 5.38
N MET A 52 -2.10 29.62 5.46
CA MET A 52 -1.21 30.30 4.51
C MET A 52 -1.31 29.72 3.10
N ASP A 53 -1.44 28.39 2.96
CA ASP A 53 -1.61 27.72 1.67
C ASP A 53 -3.00 28.03 1.08
N ILE A 54 -4.03 27.94 1.91
CA ILE A 54 -5.43 28.15 1.54
C ILE A 54 -5.68 29.59 1.06
N ALA A 55 -5.01 30.58 1.66
CA ALA A 55 -5.07 31.96 1.20
C ALA A 55 -4.55 32.12 -0.24
N GLU A 56 -3.50 31.38 -0.62
CA GLU A 56 -2.98 31.37 -1.99
C GLU A 56 -3.92 30.58 -2.92
N ILE A 57 -4.43 29.42 -2.50
CA ILE A 57 -5.39 28.59 -3.26
C ILE A 57 -6.66 29.37 -3.61
N ARG A 58 -7.14 30.22 -2.70
CA ARG A 58 -8.30 31.12 -2.88
C ARG A 58 -8.05 32.24 -3.90
N ASN A 59 -6.78 32.44 -4.29
CA ASN A 59 -6.28 33.37 -5.31
C ASN A 59 -5.56 32.59 -6.44
N ASN A 60 -5.90 31.31 -6.61
CA ASN A 60 -5.36 30.34 -7.58
C ASN A 60 -3.82 30.31 -7.65
N ALA A 61 -3.15 30.57 -6.52
CA ALA A 61 -1.69 30.63 -6.34
C ALA A 61 -0.95 31.42 -7.46
N SER A 62 -1.55 32.52 -7.93
CA SER A 62 -1.05 33.38 -9.02
C SER A 62 -0.96 34.86 -8.62
ZN ZN B . -1.78 12.82 -7.32
#